data_3DX3
#
_entry.id   3DX3
#
_cell.length_a   69.062
_cell.length_b   109.977
_cell.length_c   138.660
_cell.angle_alpha   90.000
_cell.angle_beta   90.000
_cell.angle_gamma   90.000
#
_symmetry.space_group_name_H-M   'P 21 21 21'
#
loop_
_entity.id
_entity.type
_entity.pdbx_description
1 polymer 'Alpha-mannosidase 2'
2 non-polymer 2-acetamido-2-deoxy-beta-D-glucopyranose
3 non-polymer 'ZINC ION'
4 non-polymer 'PHOSPHATE ION'
5 non-polymer (4R)-2-METHYLPENTANE-2,4-DIOL
6 non-polymer (1R,2R,3S,4R,5R)-5-aminocyclopentane-1,2,3,4-tetrol
7 water water
#
_entity_poly.entity_id   1
_entity_poly.type   'polypeptide(L)'
_entity_poly.pdbx_seq_one_letter_code
;RSSHHHHHHGEFDDPIRPPLKVARSPRPGQCQDVVQDVPNVDVQMLELYDRMSFKDIDGGVWKQGWNIKYDPLKYNAHHK
LKVFVVPHSHNDPGWIQTFEEYYQHDTKHILSNALRHLHDNPEMKFIWAEISYFARFYHDLGENKKLQMKSIVKNGQLEF
VTGGWVMPDEANSHWRNVLLQLTEGQTWLKQFMNVTPTASWAIDPFGHSPTMPYILQKSGFKNMLIQRTHYSVKKELAQQ
RQLEFLWRQIWDNKGDTALFTHMMPFYSYDIPHTCGPDPKVCCQFDFKRMGSFGLSCPWKVPPRTISDQNVAARSDLLVD
QWKKKAELYRTNVLLIPLGDDFRFKQNTEWDVQRVNYERLFEHINSQAHFNVQAQFGTLQEYFDAVHQAERAGQAEFPTL
SGDFFTYADRSDNYWSGYYTSRPYHKRMDRVLMHYVRAAEMLSAWHSWDGMARIEERLEQARRELSLFQHHDGITGTAKT
HVVVDYEQRMQEALKACQMVMQQSVYRLLTKPSIYSPDFSFSYFTLDDSRWPGSGVEDSRTTIILGEDILPSKHVVMHNT
LPHWREQLVDFYVSSPFVSVTDLANNPVEAQVSPVWSWHHDTLTKTIHPQGSTTKYRIIFKARVPPMGLATYVLTISDSK
PEHTSYASNLLLRKNPTSLPLGQYPEDVKFGDPREISLRVGNGPTLAFSEQGLLKSIQLTQDSPHVPVHFKFLKYGVRSH
GDRSGAYLFLPNGPASPVELGQPVVLVTKGKLESSVSVGLPSVVHQTIMRGGAPEIRNLVDIGSLDNTEIVMRLETHIDS
GDIFYTDLNGLQFIKRRRLDKLPLQANYYPIPSGMFIEDANTRLTLLTGQPLGGSSLASGELEIMQDRRLASDDERGLGQ
GVLDNKPVLHIYRLVLEKVNNCVRPSKLHPAGYLTSAAHKASQSLLDPLDKFIFAENEWIGAQGQFGGDHPSAREDLDVS
VMRRLTKSSAKTQRVGYVLHRTNLMQCGTPEEHTQKLDVCHLLPNVARCERTTLTFLQNLEHLDGMVAPEVCPMETAAYV
SSHSS
;
_entity_poly.pdbx_strand_id   A
#
loop_
_chem_comp.id
_chem_comp.type
_chem_comp.name
_chem_comp.formula
MRD non-polymer (4R)-2-METHYLPENTANE-2,4-DIOL 'C6 H14 O2'
NAG D-saccharide, beta linking 2-acetamido-2-deoxy-beta-D-glucopyranose 'C8 H15 N O6'
PO4 non-polymer 'PHOSPHATE ION' 'O4 P -3'
YTB non-polymer (1R,2R,3S,4R,5R)-5-aminocyclopentane-1,2,3,4-tetrol 'C5 H11 N O4'
ZN non-polymer 'ZINC ION' 'Zn 2'
#
# COMPACT_ATOMS: atom_id res chain seq x y z
N CYS A 31 -20.68 -19.93 2.57
CA CYS A 31 -20.05 -18.62 2.24
C CYS A 31 -21.11 -17.61 1.86
N GLN A 32 -20.94 -16.37 2.33
CA GLN A 32 -21.77 -15.26 1.87
C GLN A 32 -21.53 -15.03 0.39
N ASP A 33 -22.60 -14.70 -0.33
CA ASP A 33 -22.52 -14.31 -1.71
C ASP A 33 -22.12 -12.84 -1.76
N VAL A 34 -20.98 -12.52 -2.36
CA VAL A 34 -20.49 -11.14 -2.37
C VAL A 34 -20.87 -10.37 -3.64
N VAL A 35 -21.66 -11.01 -4.50
CA VAL A 35 -22.07 -10.40 -5.75
C VAL A 35 -23.54 -10.02 -5.85
N GLN A 36 -24.42 -10.93 -5.40
CA GLN A 36 -25.85 -10.85 -5.74
C GLN A 36 -26.74 -10.21 -4.69
N ASP A 37 -26.23 -9.97 -3.48
CA ASP A 37 -27.03 -9.41 -2.40
C ASP A 37 -26.49 -8.02 -2.02
N VAL A 38 -27.23 -6.98 -2.36
CA VAL A 38 -26.82 -5.60 -2.03
C VAL A 38 -27.03 -5.35 -0.53
N PRO A 39 -25.96 -5.06 0.23
CA PRO A 39 -26.16 -4.85 1.66
C PRO A 39 -27.06 -3.69 1.97
N ASN A 40 -27.85 -3.83 3.02
CA ASN A 40 -28.68 -2.76 3.51
C ASN A 40 -27.95 -2.07 4.65
N VAL A 41 -27.46 -0.86 4.41
CA VAL A 41 -26.71 -0.10 5.42
C VAL A 41 -27.36 1.27 5.58
N ASP A 42 -27.19 1.86 6.75
CA ASP A 42 -27.76 3.20 6.97
C ASP A 42 -27.07 4.27 6.16
N VAL A 43 -25.75 4.14 6.02
CA VAL A 43 -24.96 5.11 5.26
C VAL A 43 -24.13 4.32 4.27
N GLN A 44 -24.31 4.61 2.99
CA GLN A 44 -23.51 3.98 1.95
C GLN A 44 -22.81 5.14 1.27
N MET A 45 -21.47 5.19 1.32
CA MET A 45 -20.80 6.45 0.99
C MET A 45 -20.99 6.91 -0.47
N LEU A 46 -21.10 5.97 -1.41
CA LEU A 46 -21.32 6.38 -2.80
C LEU A 46 -22.70 7.06 -2.91
N GLU A 47 -23.69 6.50 -2.21
CA GLU A 47 -25.06 7.06 -2.23
C GLU A 47 -25.03 8.43 -1.57
N LEU A 48 -24.30 8.53 -0.47
CA LEU A 48 -24.20 9.80 0.24
C LEU A 48 -23.59 10.87 -0.67
N TYR A 49 -22.51 10.51 -1.33
CA TYR A 49 -21.86 11.43 -2.27
C TYR A 49 -22.82 11.91 -3.37
N ASP A 50 -23.64 11.00 -3.89
CA ASP A 50 -24.56 11.37 -4.97
C ASP A 50 -25.57 12.43 -4.49
N ARG A 51 -25.97 12.32 -3.23
CA ARG A 51 -26.99 13.21 -2.61
C ARG A 51 -26.44 14.52 -2.08
N MET A 52 -25.21 14.53 -1.57
CA MET A 52 -24.66 15.70 -0.89
C MET A 52 -24.38 16.84 -1.84
N SER A 53 -24.54 18.08 -1.35
CA SER A 53 -24.29 19.27 -2.16
CA SER A 53 -24.28 19.24 -2.21
C SER A 53 -22.86 19.80 -2.08
N PHE A 54 -22.14 19.43 -1.02
CA PHE A 54 -20.75 19.85 -0.83
C PHE A 54 -20.54 21.36 -0.81
N LYS A 55 -21.55 22.09 -0.34
CA LYS A 55 -21.38 23.56 -0.25
C LYS A 55 -20.41 23.92 0.86
N ASP A 56 -19.51 24.85 0.55
CA ASP A 56 -18.47 25.26 1.47
C ASP A 56 -18.82 26.61 2.07
N ILE A 57 -19.76 26.60 3.00
CA ILE A 57 -20.21 27.86 3.58
C ILE A 57 -19.58 28.08 4.95
N ASP A 58 -19.48 29.35 5.31
CA ASP A 58 -18.94 29.76 6.59
C ASP A 58 -19.96 29.43 7.68
N GLY A 59 -19.64 28.43 8.50
CA GLY A 59 -20.56 27.98 9.54
C GLY A 59 -20.44 28.75 10.86
N GLY A 60 -19.59 29.77 10.89
CA GLY A 60 -19.31 30.53 12.11
C GLY A 60 -18.01 30.07 12.76
N VAL A 61 -17.96 30.02 14.08
CA VAL A 61 -16.71 29.64 14.75
C VAL A 61 -16.31 28.21 14.33
N TRP A 62 -17.29 27.34 14.15
CA TRP A 62 -17.00 26.04 13.55
C TRP A 62 -17.13 26.31 12.07
N LYS A 63 -15.99 26.61 11.42
CA LYS A 63 -16.05 27.16 10.08
C LYS A 63 -16.75 26.27 9.07
N GLN A 64 -16.63 24.94 9.27
CA GLN A 64 -17.17 24.01 8.30
C GLN A 64 -18.40 23.27 8.81
N GLY A 65 -18.96 23.79 9.90
CA GLY A 65 -20.15 23.22 10.51
C GLY A 65 -21.27 24.23 10.66
N TRP A 66 -21.78 24.32 11.87
CA TRP A 66 -22.91 25.23 12.20
C TRP A 66 -22.77 25.58 13.67
N ASN A 67 -23.55 26.54 14.16
CA ASN A 67 -23.53 26.94 15.56
C ASN A 67 -24.30 25.90 16.37
N ILE A 68 -23.57 25.04 17.08
CA ILE A 68 -24.19 23.95 17.79
C ILE A 68 -24.96 24.48 19.00
N LYS A 69 -26.17 23.98 19.18
CA LYS A 69 -26.99 24.32 20.35
C LYS A 69 -27.30 23.07 21.13
N TYR A 70 -27.34 23.18 22.45
CA TYR A 70 -27.71 22.03 23.30
C TYR A 70 -28.70 22.47 24.37
N ASP A 71 -29.52 21.51 24.80
CA ASP A 71 -30.46 21.74 25.89
C ASP A 71 -29.71 21.57 27.19
N PRO A 72 -29.56 22.66 27.97
CA PRO A 72 -28.81 22.51 29.23
C PRO A 72 -29.40 21.44 30.17
N LEU A 73 -30.70 21.17 30.02
CA LEU A 73 -31.39 20.19 30.88
C LEU A 73 -31.18 18.73 30.45
N LYS A 74 -30.45 18.52 29.35
CA LYS A 74 -30.13 17.18 28.88
C LYS A 74 -29.36 16.38 29.94
N TYR A 75 -28.48 17.06 30.65
CA TYR A 75 -27.71 16.41 31.71
C TYR A 75 -28.22 16.84 33.06
N ASN A 76 -28.17 15.90 33.99
CA ASN A 76 -28.60 16.11 35.37
C ASN A 76 -27.91 15.08 36.27
N ALA A 77 -28.24 15.06 37.57
CA ALA A 77 -27.52 14.18 38.50
C ALA A 77 -27.61 12.70 38.10
N HIS A 78 -28.67 12.35 37.38
CA HIS A 78 -28.94 10.97 37.02
C HIS A 78 -28.44 10.64 35.61
N HIS A 79 -28.06 11.68 34.89
CA HIS A 79 -27.54 11.52 33.54
C HIS A 79 -26.42 12.52 33.31
N LYS A 80 -25.21 12.12 33.71
CA LYS A 80 -24.08 13.03 33.63
C LYS A 80 -23.31 12.83 32.33
N LEU A 81 -22.59 13.86 31.91
CA LEU A 81 -21.68 13.70 30.77
C LEU A 81 -20.33 13.22 31.30
N LYS A 82 -19.88 12.08 30.81
CA LYS A 82 -18.60 11.51 31.21
C LYS A 82 -17.56 11.90 30.15
N VAL A 83 -16.51 12.61 30.56
CA VAL A 83 -15.55 13.15 29.61
C VAL A 83 -14.20 12.51 29.84
N PHE A 84 -13.63 11.92 28.77
CA PHE A 84 -12.30 11.31 28.81
C PHE A 84 -11.34 12.19 28.03
N VAL A 85 -10.42 12.83 28.74
CA VAL A 85 -9.40 13.62 28.11
C VAL A 85 -8.20 12.72 27.90
N VAL A 86 -7.82 12.52 26.63
CA VAL A 86 -6.84 11.48 26.27
C VAL A 86 -5.56 12.11 25.75
N PRO A 87 -4.52 12.24 26.61
CA PRO A 87 -3.25 12.87 26.15
C PRO A 87 -2.56 11.98 25.11
N HIS A 88 -2.00 12.64 24.10
CA HIS A 88 -1.34 11.92 23.00
C HIS A 88 -0.28 12.80 22.36
N SER A 89 0.59 12.16 21.58
CA SER A 89 1.67 12.85 20.91
C SER A 89 1.84 12.17 19.56
N HIS A 90 1.62 12.91 18.48
CA HIS A 90 1.72 12.33 17.14
C HIS A 90 3.17 12.36 16.70
N ASN A 91 3.77 11.20 16.51
CA ASN A 91 5.19 11.11 16.21
C ASN A 91 5.39 10.48 14.85
N ASP A 92 5.64 11.30 13.85
CA ASP A 92 5.88 10.79 12.49
C ASP A 92 7.22 10.10 12.38
N PRO A 93 7.23 8.81 11.96
CA PRO A 93 8.49 8.08 11.66
C PRO A 93 9.15 8.56 10.36
N GLY A 94 9.50 9.84 10.35
CA GLY A 94 10.04 10.54 9.17
C GLY A 94 8.96 11.45 8.59
N TRP A 95 9.38 12.69 8.29
CA TRP A 95 8.54 13.65 7.59
C TRP A 95 9.42 14.83 7.19
N ILE A 96 9.62 15.79 8.09
CA ILE A 96 10.54 16.90 7.90
CA ILE A 96 10.56 16.84 7.79
C ILE A 96 11.93 16.59 8.42
N GLN A 97 12.03 15.55 9.24
CA GLN A 97 13.33 14.99 9.62
CA GLN A 97 13.31 15.00 9.67
C GLN A 97 13.25 13.49 9.41
N THR A 98 14.39 12.82 9.42
CA THR A 98 14.38 11.36 9.32
C THR A 98 13.88 10.72 10.63
N PHE A 99 13.56 9.43 10.56
CA PHE A 99 13.23 8.68 11.77
C PHE A 99 14.28 8.90 12.85
N GLU A 100 15.54 8.70 12.48
CA GLU A 100 16.58 8.79 13.50
C GLU A 100 16.74 10.21 14.03
N GLU A 101 16.62 11.21 13.16
CA GLU A 101 16.72 12.61 13.59
C GLU A 101 15.61 12.96 14.56
N TYR A 102 14.37 12.60 14.22
CA TYR A 102 13.28 12.83 15.16
C TYR A 102 13.48 12.05 16.45
N TYR A 103 13.95 10.82 16.37
CA TYR A 103 14.14 10.05 17.58
C TYR A 103 15.11 10.78 18.53
N GLN A 104 16.23 11.25 17.96
CA GLN A 104 17.27 11.88 18.79
C GLN A 104 16.83 13.21 19.32
N HIS A 105 16.09 13.99 18.52
CA HIS A 105 15.77 15.35 18.90
CA HIS A 105 15.77 15.35 18.93
C HIS A 105 14.48 15.47 19.71
N ASP A 106 13.54 14.55 19.46
CA ASP A 106 12.21 14.66 20.05
C ASP A 106 11.72 13.42 20.74
N THR A 107 11.58 12.32 19.99
CA THR A 107 10.83 11.17 20.49
C THR A 107 11.49 10.51 21.70
N LYS A 108 12.81 10.44 21.72
CA LYS A 108 13.41 9.80 22.89
C LYS A 108 13.12 10.58 24.17
N HIS A 109 13.03 11.91 24.05
CA HIS A 109 12.69 12.77 25.19
C HIS A 109 11.22 12.66 25.58
N ILE A 110 10.34 12.62 24.58
CA ILE A 110 8.92 12.43 24.86
C ILE A 110 8.72 11.13 25.66
N LEU A 111 9.30 10.04 25.17
CA LEU A 111 9.11 8.78 25.87
C LEU A 111 9.77 8.72 27.24
N SER A 112 10.97 9.26 27.34
CA SER A 112 11.65 9.26 28.64
C SER A 112 10.85 10.09 29.64
N ASN A 113 10.33 11.24 29.20
CA ASN A 113 9.58 12.09 30.12
C ASN A 113 8.20 11.53 30.38
N ALA A 114 7.61 10.81 29.41
CA ALA A 114 6.33 10.11 29.68
C ALA A 114 6.52 9.09 30.77
N LEU A 115 7.63 8.36 30.70
CA LEU A 115 7.86 7.33 31.68
C LEU A 115 7.94 7.94 33.09
N ARG A 116 8.69 9.02 33.19
CA ARG A 116 8.88 9.68 34.48
C ARG A 116 7.55 10.26 34.99
N HIS A 117 6.87 11.01 34.13
CA HIS A 117 5.69 11.72 34.57
C HIS A 117 4.53 10.82 34.85
N LEU A 118 4.37 9.76 34.08
CA LEU A 118 3.32 8.81 34.36
C LEU A 118 3.65 8.03 35.64
N HIS A 119 4.89 7.64 35.81
CA HIS A 119 5.27 6.96 37.06
C HIS A 119 4.87 7.84 38.25
N ASP A 120 5.24 9.11 38.19
CA ASP A 120 5.05 10.01 39.35
C ASP A 120 3.62 10.51 39.57
N ASN A 121 2.74 10.34 38.58
CA ASN A 121 1.40 10.90 38.62
C ASN A 121 0.42 9.82 38.23
N PRO A 122 -0.01 9.01 39.19
CA PRO A 122 -0.79 7.81 38.87
C PRO A 122 -2.10 8.01 38.10
N GLU A 123 -2.71 9.19 38.18
CA GLU A 123 -3.97 9.43 37.44
C GLU A 123 -3.76 9.94 36.01
N MET A 124 -2.51 10.31 35.68
CA MET A 124 -2.19 10.76 34.33
C MET A 124 -2.17 9.58 33.38
N LYS A 125 -2.56 9.84 32.12
CA LYS A 125 -2.67 8.79 31.09
C LYS A 125 -2.01 9.28 29.82
N PHE A 126 -1.68 8.35 28.92
CA PHE A 126 -1.03 8.72 27.66
C PHE A 126 -1.25 7.55 26.72
N ILE A 127 -1.53 7.86 25.45
CA ILE A 127 -1.61 6.79 24.45
C ILE A 127 -0.44 6.91 23.47
N TRP A 128 -0.05 5.76 22.92
CA TRP A 128 1.08 5.70 22.01
C TRP A 128 0.74 4.82 20.83
N ALA A 129 1.03 5.31 19.62
CA ALA A 129 0.70 4.62 18.37
C ALA A 129 1.87 3.93 17.65
N GLU A 130 3.02 4.58 17.57
CA GLU A 130 4.07 4.19 16.58
C GLU A 130 5.09 3.27 17.25
N ILE A 131 4.98 1.97 17.00
CA ILE A 131 5.84 1.02 17.71
C ILE A 131 7.27 1.04 17.18
N SER A 132 7.47 1.50 15.95
CA SER A 132 8.85 1.65 15.46
C SER A 132 9.67 2.51 16.46
N TYR A 133 9.09 3.63 16.89
CA TYR A 133 9.77 4.48 17.84
C TYR A 133 9.83 3.85 19.23
N PHE A 134 8.76 3.19 19.63
CA PHE A 134 8.72 2.68 20.98
C PHE A 134 9.74 1.55 21.13
N ALA A 135 9.85 0.69 20.11
CA ALA A 135 10.83 -0.39 20.15
C ALA A 135 12.25 0.20 20.14
N ARG A 136 12.50 1.24 19.36
CA ARG A 136 13.82 1.91 19.32
C ARG A 136 14.19 2.41 20.74
N PHE A 137 13.21 2.99 21.43
CA PHE A 137 13.42 3.56 22.75
C PHE A 137 13.63 2.48 23.80
N TYR A 138 12.74 1.49 23.80
CA TYR A 138 12.73 0.47 24.83
C TYR A 138 14.04 -0.31 24.85
N HIS A 139 14.56 -0.61 23.67
CA HIS A 139 15.74 -1.45 23.61
C HIS A 139 16.96 -0.69 24.11
N ASP A 140 16.89 0.64 24.13
CA ASP A 140 17.99 1.46 24.67
C ASP A 140 17.89 1.74 26.18
N LEU A 141 16.78 1.33 26.79
CA LEU A 141 16.59 1.51 28.24
C LEU A 141 17.39 0.51 29.05
N GLY A 142 17.85 0.96 30.21
CA GLY A 142 18.38 0.05 31.20
C GLY A 142 17.26 -0.79 31.77
N GLU A 143 17.62 -1.94 32.34
CA GLU A 143 16.66 -2.88 32.88
C GLU A 143 15.71 -2.23 33.91
N ASN A 144 16.23 -1.35 34.76
CA ASN A 144 15.40 -0.72 35.76
C ASN A 144 14.25 0.04 35.08
N LYS A 145 14.61 0.80 34.04
CA LYS A 145 13.63 1.59 33.27
C LYS A 145 12.68 0.71 32.44
N LYS A 146 13.18 -0.40 31.87
CA LYS A 146 12.31 -1.37 31.17
CA LYS A 146 12.31 -1.37 31.17
C LYS A 146 11.22 -1.86 32.11
N LEU A 147 11.60 -2.19 33.34
CA LEU A 147 10.63 -2.65 34.35
C LEU A 147 9.61 -1.56 34.72
N GLN A 148 10.07 -0.32 34.89
CA GLN A 148 9.17 0.78 35.18
C GLN A 148 8.18 0.96 34.02
N MET A 149 8.70 0.88 32.80
CA MET A 149 7.84 1.01 31.61
C MET A 149 6.79 -0.11 31.55
N LYS A 150 7.22 -1.36 31.75
CA LYS A 150 6.27 -2.47 31.79
C LYS A 150 5.17 -2.23 32.83
N SER A 151 5.53 -1.63 33.95
N SER A 151 5.52 -1.61 33.96
CA SER A 151 4.58 -1.40 35.02
CA SER A 151 4.56 -1.42 35.03
C SER A 151 3.51 -0.39 34.63
C SER A 151 3.51 -0.30 34.76
N ILE A 152 3.90 0.75 34.05
CA ILE A 152 2.91 1.77 33.63
C ILE A 152 2.02 1.31 32.48
N VAL A 153 2.47 0.32 31.72
CA VAL A 153 1.63 -0.32 30.71
C VAL A 153 0.69 -1.33 31.37
N LYS A 154 1.21 -2.18 32.24
CA LYS A 154 0.37 -3.18 32.89
C LYS A 154 -0.75 -2.54 33.69
N ASN A 155 -0.46 -1.41 34.31
CA ASN A 155 -1.39 -0.67 35.19
CA ASN A 155 -1.46 -0.79 35.14
C ASN A 155 -2.33 0.26 34.43
N GLY A 156 -2.17 0.32 33.11
CA GLY A 156 -3.10 1.06 32.24
C GLY A 156 -2.89 2.55 32.06
N GLN A 157 -1.77 3.09 32.57
CA GLN A 157 -1.52 4.50 32.40
C GLN A 157 -1.02 4.82 31.00
N LEU A 158 -0.11 4.00 30.50
CA LEU A 158 0.34 4.14 29.11
CA LEU A 158 0.36 4.11 29.13
C LEU A 158 -0.34 3.04 28.31
N GLU A 159 -1.10 3.45 27.29
CA GLU A 159 -1.84 2.50 26.49
C GLU A 159 -1.45 2.61 25.03
N PHE A 160 -1.18 1.46 24.44
CA PHE A 160 -0.87 1.42 23.01
C PHE A 160 -2.15 1.36 22.25
N VAL A 161 -2.18 2.18 21.21
CA VAL A 161 -3.32 2.23 20.32
C VAL A 161 -2.84 1.80 18.94
N THR A 162 -3.62 0.90 18.34
CA THR A 162 -3.28 0.18 17.10
C THR A 162 -2.11 -0.78 17.30
N GLY A 163 -0.93 -0.24 17.61
CA GLY A 163 0.23 -1.08 17.85
C GLY A 163 0.94 -1.51 16.58
N GLY A 164 0.69 -0.82 15.47
CA GLY A 164 1.49 -1.10 14.28
C GLY A 164 2.87 -0.47 14.38
N TRP A 165 3.76 -0.89 13.49
CA TRP A 165 5.07 -0.27 13.41
C TRP A 165 4.93 1.23 13.14
N VAL A 166 3.92 1.58 12.32
CA VAL A 166 3.63 2.96 11.94
C VAL A 166 2.11 3.18 11.99
N MET A 167 1.69 4.40 11.67
CA MET A 167 0.30 4.71 11.38
C MET A 167 0.25 4.84 9.86
N PRO A 168 -0.16 3.77 9.15
CA PRO A 168 0.09 3.75 7.72
C PRO A 168 -0.80 4.63 6.88
N ASP A 169 -0.28 5.05 5.74
CA ASP A 169 -1.12 5.54 4.65
C ASP A 169 -2.18 4.48 4.37
N GLU A 170 -3.36 4.93 3.96
CA GLU A 170 -4.45 4.01 3.62
C GLU A 170 -4.80 4.05 2.15
N ALA A 171 -4.18 4.96 1.39
CA ALA A 171 -4.51 5.11 -0.04
C ALA A 171 -3.61 4.29 -0.96
N ASN A 172 -2.30 4.40 -0.74
CA ASN A 172 -1.35 3.78 -1.64
C ASN A 172 -0.85 2.42 -1.17
N SER A 173 -1.03 2.16 0.12
CA SER A 173 -0.48 0.95 0.73
C SER A 173 -1.21 -0.30 0.26
N HIS A 174 -0.46 -1.37 0.04
CA HIS A 174 -1.07 -2.63 -0.27
C HIS A 174 -1.53 -3.28 1.04
N TRP A 175 -2.66 -3.98 1.04
CA TRP A 175 -3.15 -4.57 2.26
C TRP A 175 -2.12 -5.53 2.84
N ARG A 176 -1.33 -6.21 1.99
CA ARG A 176 -0.33 -7.14 2.55
C ARG A 176 0.67 -6.41 3.41
N ASN A 177 1.02 -5.16 3.03
CA ASN A 177 2.01 -4.41 3.81
C ASN A 177 1.36 -3.71 5.00
N VAL A 178 0.08 -3.38 4.89
CA VAL A 178 -0.62 -2.90 6.08
C VAL A 178 -0.63 -4.01 7.14
N LEU A 179 -0.90 -5.24 6.72
CA LEU A 179 -0.86 -6.36 7.66
C LEU A 179 0.58 -6.55 8.17
N LEU A 180 1.56 -6.47 7.28
CA LEU A 180 2.97 -6.71 7.68
C LEU A 180 3.34 -5.75 8.80
N GLN A 181 3.03 -4.46 8.62
CA GLN A 181 3.47 -3.49 9.62
C GLN A 181 2.70 -3.63 10.93
N LEU A 182 1.42 -3.99 10.83
CA LEU A 182 0.61 -4.21 12.02
C LEU A 182 1.20 -5.39 12.78
N THR A 183 1.54 -6.44 12.05
CA THR A 183 2.09 -7.64 12.68
C THR A 183 3.45 -7.32 13.32
N GLU A 184 4.25 -6.50 12.67
CA GLU A 184 5.58 -6.21 13.20
C GLU A 184 5.45 -5.49 14.55
N GLY A 185 4.58 -4.50 14.60
CA GLY A 185 4.41 -3.77 15.85
C GLY A 185 3.74 -4.61 16.92
N GLN A 186 2.72 -5.38 16.55
CA GLN A 186 2.01 -6.12 17.59
C GLN A 186 2.81 -7.30 18.10
N THR A 187 3.61 -7.92 17.23
CA THR A 187 4.46 -9.02 17.69
C THR A 187 5.47 -8.51 18.71
N TRP A 188 6.04 -7.31 18.45
CA TRP A 188 6.94 -6.68 19.37
C TRP A 188 6.20 -6.41 20.70
N LEU A 189 5.00 -5.85 20.63
CA LEU A 189 4.25 -5.51 21.86
C LEU A 189 3.94 -6.75 22.67
N LYS A 190 3.59 -7.83 22.01
CA LYS A 190 3.22 -9.04 22.74
C LYS A 190 4.46 -9.56 23.46
N GLN A 191 5.59 -9.59 22.77
CA GLN A 191 6.82 -10.12 23.35
C GLN A 191 7.31 -9.29 24.53
N PHE A 192 7.35 -7.98 24.37
CA PHE A 192 8.04 -7.13 25.34
C PHE A 192 7.13 -6.42 26.33
N MET A 193 5.90 -6.15 25.92
N MET A 193 5.88 -6.18 25.94
CA MET A 193 4.94 -5.43 26.75
CA MET A 193 4.95 -5.44 26.79
C MET A 193 3.79 -6.31 27.25
C MET A 193 3.74 -6.28 27.20
N ASN A 194 3.65 -7.51 26.67
CA ASN A 194 2.55 -8.42 27.00
C ASN A 194 1.17 -7.81 26.81
N VAL A 195 1.00 -7.07 25.72
CA VAL A 195 -0.30 -6.46 25.43
C VAL A 195 -0.53 -6.51 23.93
N THR A 196 -1.80 -6.59 23.56
CA THR A 196 -2.25 -6.54 22.15
C THR A 196 -3.42 -5.58 22.06
N PRO A 197 -3.20 -4.40 21.47
CA PRO A 197 -4.27 -3.41 21.37
C PRO A 197 -5.45 -3.94 20.60
N THR A 198 -6.65 -3.53 21.04
CA THR A 198 -7.88 -3.86 20.33
C THR A 198 -8.61 -2.59 19.88
N ALA A 199 -8.00 -1.41 20.08
CA ALA A 199 -8.55 -0.14 19.59
C ALA A 199 -7.48 0.48 18.71
N SER A 200 -7.90 0.98 17.56
CA SER A 200 -6.99 1.61 16.61
C SER A 200 -7.19 3.11 16.61
N TRP A 201 -6.10 3.84 16.38
CA TRP A 201 -6.05 5.32 16.37
C TRP A 201 -5.39 5.75 15.07
N ALA A 202 -6.18 6.30 14.15
CA ALA A 202 -5.63 6.75 12.86
C ALA A 202 -6.02 8.20 12.65
N ILE A 203 -5.27 9.09 13.28
CA ILE A 203 -5.62 10.50 13.26
C ILE A 203 -5.05 11.27 12.08
N ASP A 204 -4.11 10.66 11.35
CA ASP A 204 -3.41 11.43 10.32
C ASP A 204 -3.38 10.93 8.86
N PRO A 205 -3.70 9.66 8.55
CA PRO A 205 -3.65 9.30 7.10
C PRO A 205 -4.62 10.13 6.30
N PHE A 206 -4.29 10.39 5.04
CA PHE A 206 -4.99 11.47 4.31
C PHE A 206 -6.21 10.90 3.58
N GLY A 207 -7.25 10.64 4.37
CA GLY A 207 -8.38 9.82 3.92
C GLY A 207 -8.25 8.40 4.43
N HIS A 208 -9.37 7.68 4.42
CA HIS A 208 -9.42 6.39 5.11
C HIS A 208 -10.07 5.31 4.27
N SER A 209 -9.53 4.11 4.37
CA SER A 209 -9.95 2.98 3.58
C SER A 209 -10.62 1.92 4.43
N PRO A 210 -11.66 1.26 3.89
CA PRO A 210 -12.28 0.14 4.62
C PRO A 210 -11.37 -1.08 4.71
N THR A 211 -10.23 -1.07 4.02
CA THR A 211 -9.28 -2.15 4.21
C THR A 211 -8.80 -2.21 5.66
N MET A 212 -8.75 -1.05 6.32
N MET A 212 -8.76 -1.05 6.31
CA MET A 212 -8.32 -1.03 7.71
CA MET A 212 -8.32 -1.01 7.68
C MET A 212 -9.26 -1.82 8.63
C MET A 212 -9.23 -1.77 8.65
N PRO A 213 -10.55 -1.44 8.71
CA PRO A 213 -11.40 -2.30 9.55
C PRO A 213 -11.40 -3.76 9.10
N TYR A 214 -11.26 -4.03 7.80
CA TYR A 214 -11.21 -5.41 7.34
C TYR A 214 -10.07 -6.16 8.06
N ILE A 215 -8.86 -5.60 7.99
CA ILE A 215 -7.70 -6.29 8.59
C ILE A 215 -7.81 -6.25 10.12
N LEU A 216 -8.19 -5.10 10.67
CA LEU A 216 -8.25 -4.95 12.13
C LEU A 216 -9.25 -5.92 12.72
N GLN A 217 -10.43 -6.03 12.13
CA GLN A 217 -11.45 -6.91 12.71
C GLN A 217 -10.99 -8.39 12.67
N LYS A 218 -10.16 -8.75 11.70
CA LYS A 218 -9.63 -10.11 11.60
C LYS A 218 -8.34 -10.29 12.41
N SER A 219 -7.96 -9.22 13.13
CA SER A 219 -6.80 -9.22 13.99
C SER A 219 -7.16 -8.88 15.43
N GLY A 220 -8.42 -9.16 15.80
CA GLY A 220 -8.84 -9.04 17.20
C GLY A 220 -9.37 -7.69 17.61
N PHE A 221 -9.36 -6.71 16.71
CA PHE A 221 -9.81 -5.37 17.13
C PHE A 221 -11.31 -5.31 17.34
N LYS A 222 -11.69 -4.37 18.20
CA LYS A 222 -13.09 -4.13 18.51
C LYS A 222 -13.52 -2.70 18.18
N ASN A 223 -12.56 -1.79 18.03
CA ASN A 223 -12.90 -0.37 17.85
C ASN A 223 -11.82 0.31 17.06
N MET A 224 -12.21 1.33 16.32
CA MET A 224 -11.22 2.16 15.61
C MET A 224 -11.65 3.62 15.55
N LEU A 225 -10.67 4.50 15.37
CA LEU A 225 -10.92 5.92 15.34
C LEU A 225 -10.23 6.46 14.08
N ILE A 226 -10.95 7.35 13.40
CA ILE A 226 -10.43 8.04 12.21
C ILE A 226 -10.69 9.54 12.30
N GLN A 227 -9.97 10.30 11.48
CA GLN A 227 -10.05 11.76 11.53
C GLN A 227 -10.09 12.46 10.18
N ARG A 228 -9.24 12.08 9.24
CA ARG A 228 -9.13 12.88 8.05
C ARG A 228 -10.15 12.46 7.02
N THR A 229 -11.33 13.01 7.17
CA THR A 229 -12.40 12.80 6.20
C THR A 229 -12.86 14.17 5.70
N HIS A 230 -13.42 14.17 4.50
CA HIS A 230 -13.80 15.44 3.87
C HIS A 230 -14.66 16.28 4.81
N TYR A 231 -14.39 17.58 4.90
CA TYR A 231 -15.16 18.46 5.78
C TYR A 231 -16.68 18.39 5.50
N SER A 232 -17.07 18.15 4.26
CA SER A 232 -18.52 18.06 3.99
C SER A 232 -19.10 16.78 4.56
N VAL A 233 -18.33 15.70 4.57
CA VAL A 233 -18.76 14.46 5.16
C VAL A 233 -18.89 14.60 6.68
N LYS A 234 -17.90 15.23 7.32
CA LYS A 234 -18.04 15.44 8.77
C LYS A 234 -19.31 16.22 9.08
N LYS A 235 -19.61 17.27 8.31
CA LYS A 235 -20.85 18.05 8.56
C LYS A 235 -22.09 17.19 8.40
N GLU A 236 -22.15 16.44 7.32
CA GLU A 236 -23.31 15.63 7.01
C GLU A 236 -23.54 14.58 8.08
N LEU A 237 -22.48 13.86 8.45
CA LEU A 237 -22.64 12.81 9.44
C LEU A 237 -22.90 13.43 10.82
N ALA A 238 -22.25 14.55 11.14
CA ALA A 238 -22.51 15.19 12.43
C ALA A 238 -23.99 15.57 12.56
N GLN A 239 -24.57 16.09 11.48
CA GLN A 239 -25.99 16.50 11.54
C GLN A 239 -26.93 15.35 11.89
N GLN A 240 -26.52 14.15 11.50
CA GLN A 240 -27.33 12.96 11.71
C GLN A 240 -26.85 12.12 12.90
N ARG A 241 -25.87 12.64 13.64
CA ARG A 241 -25.20 11.86 14.69
C ARG A 241 -24.80 10.48 14.15
N GLN A 242 -24.15 10.51 12.99
CA GLN A 242 -23.64 9.29 12.36
C GLN A 242 -22.11 9.28 12.33
N LEU A 243 -21.49 9.96 13.29
CA LEU A 243 -20.02 9.96 13.35
C LEU A 243 -19.45 8.71 14.00
N GLU A 244 -20.28 7.96 14.73
CA GLU A 244 -19.91 6.65 15.23
C GLU A 244 -20.80 5.67 14.50
N PHE A 245 -20.19 4.64 13.95
CA PHE A 245 -20.90 3.71 13.07
C PHE A 245 -20.24 2.35 13.06
N LEU A 246 -21.00 1.34 12.67
CA LEU A 246 -20.47 0.00 12.46
C LEU A 246 -20.05 -0.08 11.01
N TRP A 247 -18.74 -0.07 10.80
CA TRP A 247 -18.21 0.03 9.44
C TRP A 247 -18.02 -1.38 8.91
N ARG A 248 -18.84 -1.75 7.93
CA ARG A 248 -18.73 -3.06 7.29
C ARG A 248 -18.21 -2.92 5.87
N GLN A 249 -17.76 -4.03 5.31
CA GLN A 249 -17.31 -4.03 3.91
C GLN A 249 -18.46 -3.84 2.94
N ILE A 250 -18.15 -3.27 1.77
CA ILE A 250 -19.19 -2.90 0.83
C ILE A 250 -20.01 -4.09 0.32
N TRP A 251 -19.43 -5.27 0.37
CA TRP A 251 -20.15 -6.46 -0.12
C TRP A 251 -20.80 -7.27 0.98
N ASP A 252 -20.62 -6.85 2.22
CA ASP A 252 -20.98 -7.70 3.37
C ASP A 252 -22.46 -7.55 3.72
N ASN A 253 -23.26 -8.51 3.29
CA ASN A 253 -24.68 -8.46 3.53
C ASN A 253 -25.09 -8.71 4.99
N LYS A 254 -24.38 -9.63 5.63
CA LYS A 254 -24.72 -10.07 6.99
C LYS A 254 -24.18 -9.12 8.06
N GLY A 255 -22.99 -8.56 7.81
CA GLY A 255 -22.40 -7.63 8.76
C GLY A 255 -21.29 -8.19 9.64
N ASP A 256 -20.81 -9.40 9.40
N ASP A 256 -20.83 -9.40 9.32
CA ASP A 256 -19.79 -9.95 10.29
CA ASP A 256 -19.78 -10.10 10.06
C ASP A 256 -18.45 -9.22 10.19
C ASP A 256 -18.41 -9.40 10.04
N THR A 257 -18.23 -8.50 9.09
CA THR A 257 -17.00 -7.73 8.99
C THR A 257 -17.02 -6.42 9.81
N ALA A 258 -18.18 -6.08 10.39
CA ALA A 258 -18.37 -4.74 10.99
C ALA A 258 -17.41 -4.48 12.13
N LEU A 259 -16.88 -3.25 12.15
CA LEU A 259 -16.03 -2.76 13.22
C LEU A 259 -16.53 -1.40 13.66
N PHE A 260 -16.76 -1.25 14.96
CA PHE A 260 -17.19 0.05 15.49
C PHE A 260 -16.14 1.11 15.23
N THR A 261 -16.57 2.23 14.65
CA THR A 261 -15.67 3.27 14.20
C THR A 261 -16.16 4.60 14.76
N HIS A 262 -15.22 5.38 15.27
CA HIS A 262 -15.46 6.75 15.71
C HIS A 262 -14.75 7.69 14.76
N MET A 263 -15.51 8.57 14.08
CA MET A 263 -14.92 9.64 13.29
C MET A 263 -14.94 10.92 14.12
N MET A 264 -13.77 11.54 14.26
N MET A 264 -13.78 11.55 14.25
CA MET A 264 -13.65 12.84 14.90
CA MET A 264 -13.70 12.83 14.96
C MET A 264 -14.38 13.89 14.02
C MET A 264 -14.29 13.93 14.04
N PRO A 265 -14.93 14.94 14.65
CA PRO A 265 -15.78 15.84 13.87
C PRO A 265 -15.20 17.08 13.25
N PHE A 266 -14.00 17.46 13.66
CA PHE A 266 -13.48 18.78 13.37
C PHE A 266 -12.27 18.74 12.44
N TYR A 267 -11.71 19.91 12.17
CA TYR A 267 -10.78 20.08 11.09
C TYR A 267 -9.42 19.43 11.36
N SER A 268 -9.03 19.31 12.62
CA SER A 268 -7.70 18.78 12.98
C SER A 268 -7.81 17.96 14.25
N TYR A 269 -6.76 17.21 14.55
CA TYR A 269 -6.65 16.55 15.84
C TYR A 269 -5.88 17.39 16.89
N ASP A 270 -5.49 18.61 16.53
CA ASP A 270 -4.77 19.46 17.49
C ASP A 270 -5.74 19.97 18.58
N ILE A 271 -5.19 20.54 19.65
CA ILE A 271 -6.02 20.91 20.78
C ILE A 271 -7.11 21.93 20.40
N PRO A 272 -6.78 22.96 19.59
CA PRO A 272 -7.85 23.89 19.20
C PRO A 272 -9.03 23.25 18.50
N HIS A 273 -8.83 22.08 17.89
CA HIS A 273 -9.93 21.42 17.14
C HIS A 273 -10.40 20.12 17.79
N THR A 274 -10.11 19.94 19.07
CA THR A 274 -10.58 18.74 19.76
C THR A 274 -11.37 18.98 21.04
N CYS A 275 -11.40 20.21 21.55
CA CYS A 275 -12.21 20.41 22.78
C CYS A 275 -13.70 20.66 22.49
N GLY A 276 -13.99 21.10 21.29
CA GLY A 276 -15.32 21.56 20.93
C GLY A 276 -15.22 22.34 19.63
N PRO A 277 -16.35 22.92 19.18
CA PRO A 277 -16.44 23.54 17.87
C PRO A 277 -15.74 24.89 17.66
N ASP A 278 -15.36 25.57 18.74
CA ASP A 278 -14.79 26.92 18.60
C ASP A 278 -13.29 26.90 18.92
N PRO A 279 -12.44 26.94 17.89
CA PRO A 279 -11.00 26.86 18.17
C PRO A 279 -10.45 28.07 18.92
N LYS A 280 -11.11 29.22 18.83
CA LYS A 280 -10.65 30.36 19.61
C LYS A 280 -10.76 30.07 21.10
N VAL A 281 -11.76 29.29 21.50
CA VAL A 281 -11.91 28.88 22.89
C VAL A 281 -10.99 27.70 23.22
N CYS A 282 -11.03 26.66 22.38
CA CYS A 282 -10.22 25.47 22.66
C CYS A 282 -8.72 25.75 22.74
N CYS A 283 -8.23 26.69 21.93
CA CYS A 283 -6.81 27.03 21.97
C CYS A 283 -6.38 27.53 23.35
N GLN A 284 -7.33 28.13 24.10
CA GLN A 284 -7.05 28.60 25.46
C GLN A 284 -6.82 27.49 26.44
N PHE A 285 -7.04 26.24 26.00
CA PHE A 285 -6.86 25.09 26.84
C PHE A 285 -5.73 24.21 26.34
N ASP A 286 -4.91 24.80 25.47
CA ASP A 286 -3.62 24.21 25.12
C ASP A 286 -2.57 24.96 25.91
N PHE A 287 -2.19 24.43 27.06
CA PHE A 287 -1.38 25.23 27.99
C PHE A 287 0.07 25.35 27.56
N LYS A 288 0.45 24.67 26.47
CA LYS A 288 1.78 24.90 25.87
C LYS A 288 1.85 26.22 25.11
N ARG A 289 0.72 26.89 24.89
CA ARG A 289 0.72 28.09 24.03
C ARG A 289 0.81 29.46 24.76
N MET A 290 1.49 29.56 25.91
CA MET A 290 1.47 30.86 26.60
C MET A 290 2.67 31.82 26.29
N GLY A 291 3.69 31.33 25.57
CA GLY A 291 4.83 32.14 25.11
C GLY A 291 6.26 31.59 25.26
N SER A 292 6.58 31.03 26.42
CA SER A 292 7.92 30.49 26.71
C SER A 292 8.31 29.29 25.83
N PHE A 293 7.29 28.62 25.30
CA PHE A 293 7.50 27.48 24.40
C PHE A 293 7.55 27.90 22.95
N GLY A 294 7.45 29.19 22.69
CA GLY A 294 7.50 29.68 21.32
C GLY A 294 6.24 29.39 20.54
N LEU A 295 5.12 29.18 21.24
CA LEU A 295 3.82 28.91 20.62
C LEU A 295 2.82 29.97 21.04
N SER A 296 1.81 30.16 20.20
CA SER A 296 0.73 31.10 20.49
C SER A 296 -0.55 30.59 19.86
N CYS A 297 -1.65 31.29 20.14
CA CYS A 297 -2.97 30.99 19.58
C CYS A 297 -3.25 31.92 18.41
N PRO A 298 -3.43 31.39 17.18
CA PRO A 298 -3.75 32.23 16.03
C PRO A 298 -5.03 33.03 16.18
N TRP A 299 -5.91 32.59 17.09
CA TRP A 299 -7.19 33.28 17.31
C TRP A 299 -7.05 34.42 18.31
N LYS A 300 -5.81 34.63 18.79
CA LYS A 300 -5.42 35.86 19.50
C LYS A 300 -5.85 35.93 20.97
N VAL A 301 -6.41 34.85 21.49
CA VAL A 301 -6.69 34.79 22.91
C VAL A 301 -5.82 33.71 23.51
N PRO A 302 -4.86 34.08 24.35
CA PRO A 302 -3.93 33.09 24.85
C PRO A 302 -4.54 32.22 25.95
N PRO A 303 -3.96 31.05 26.20
CA PRO A 303 -4.34 30.30 27.38
C PRO A 303 -3.99 31.11 28.62
N ARG A 304 -4.74 30.87 29.69
CA ARG A 304 -4.43 31.44 31.00
C ARG A 304 -4.29 30.35 32.03
N THR A 305 -3.26 30.46 32.86
CA THR A 305 -3.05 29.53 33.95
C THR A 305 -4.33 29.46 34.80
N ILE A 306 -4.77 28.24 35.13
CA ILE A 306 -5.97 28.05 35.95
C ILE A 306 -5.62 28.34 37.39
N SER A 307 -6.48 29.15 38.04
CA SER A 307 -6.30 29.57 39.42
C SER A 307 -7.65 29.44 40.08
N ASP A 308 -7.67 29.50 41.41
CA ASP A 308 -8.95 29.50 42.12
C ASP A 308 -9.89 30.66 41.72
N GLN A 309 -9.30 31.79 41.30
CA GLN A 309 -10.10 32.99 40.93
CA GLN A 309 -10.01 33.00 40.92
C GLN A 309 -10.67 32.93 39.53
N ASN A 310 -10.09 32.10 38.67
CA ASN A 310 -10.62 32.05 37.31
C ASN A 310 -11.20 30.69 36.96
N VAL A 311 -11.08 29.70 37.84
CA VAL A 311 -11.42 28.32 37.43
C VAL A 311 -12.92 28.20 37.12
N ALA A 312 -13.78 28.92 37.86
CA ALA A 312 -15.22 28.83 37.55
C ALA A 312 -15.51 29.31 36.15
N ALA A 313 -15.00 30.48 35.77
CA ALA A 313 -15.19 31.03 34.45
C ALA A 313 -14.57 30.14 33.38
N ARG A 314 -13.36 29.65 33.64
CA ARG A 314 -12.66 28.82 32.65
C ARG A 314 -13.42 27.53 32.47
N SER A 315 -13.87 26.93 33.57
CA SER A 315 -14.69 25.71 33.52
C SER A 315 -15.97 25.91 32.76
N ASP A 316 -16.64 27.04 32.93
N ASP A 316 -16.66 27.03 33.03
CA ASP A 316 -17.86 27.31 32.19
CA ASP A 316 -17.82 27.42 32.24
C ASP A 316 -17.66 27.46 30.67
C ASP A 316 -17.53 27.26 30.76
N LEU A 317 -16.49 27.96 30.29
CA LEU A 317 -16.16 28.03 28.87
C LEU A 317 -15.87 26.65 28.31
N LEU A 318 -15.14 25.86 29.08
CA LEU A 318 -14.68 24.55 28.60
C LEU A 318 -15.84 23.57 28.57
N VAL A 319 -16.64 23.56 29.63
CA VAL A 319 -17.77 22.62 29.71
C VAL A 319 -18.76 22.94 28.58
N ASP A 320 -18.93 24.21 28.26
CA ASP A 320 -19.82 24.59 27.17
C ASP A 320 -19.31 24.00 25.82
N GLN A 321 -18.00 24.07 25.58
CA GLN A 321 -17.44 23.42 24.37
C GLN A 321 -17.67 21.91 24.38
N TRP A 322 -17.42 21.28 25.50
CA TRP A 322 -17.65 19.83 25.62
C TRP A 322 -19.09 19.48 25.32
N LYS A 323 -20.01 20.24 25.89
CA LYS A 323 -21.42 19.89 25.73
C LYS A 323 -21.88 20.14 24.27
N LYS A 324 -21.29 21.11 23.60
CA LYS A 324 -21.54 21.28 22.16
C LYS A 324 -21.00 20.08 21.38
N LYS A 325 -19.77 19.68 21.66
CA LYS A 325 -19.21 18.51 20.96
C LYS A 325 -20.07 17.27 21.21
N ALA A 326 -20.55 17.12 22.45
CA ALA A 326 -21.35 15.94 22.81
C ALA A 326 -22.65 15.87 22.03
N GLU A 327 -23.13 17.02 21.57
CA GLU A 327 -24.35 17.03 20.73
C GLU A 327 -24.24 16.24 19.44
N LEU A 328 -23.00 16.04 18.99
CA LEU A 328 -22.75 15.41 17.69
C LEU A 328 -22.74 13.91 17.81
N TYR A 329 -22.86 13.37 19.01
CA TYR A 329 -22.70 11.93 19.28
C TYR A 329 -23.89 11.43 20.08
N ARG A 330 -24.04 10.11 20.14
CA ARG A 330 -25.27 9.52 20.67
C ARG A 330 -25.24 9.14 22.13
N THR A 331 -24.05 9.03 22.73
CA THR A 331 -24.03 8.61 24.13
C THR A 331 -23.64 9.78 25.02
N ASN A 332 -23.63 9.53 26.33
CA ASN A 332 -23.18 10.54 27.30
C ASN A 332 -21.72 10.37 27.66
N VAL A 333 -20.94 9.80 26.73
CA VAL A 333 -19.52 9.55 26.97
C VAL A 333 -18.80 10.30 25.87
N LEU A 334 -17.89 11.22 26.24
CA LEU A 334 -17.29 12.13 25.30
C LEU A 334 -15.77 11.94 25.25
N LEU A 335 -15.24 11.85 24.03
CA LEU A 335 -13.80 11.73 23.80
C LEU A 335 -13.19 13.08 23.50
N ILE A 336 -12.21 13.49 24.32
CA ILE A 336 -11.47 14.72 24.09
C ILE A 336 -9.97 14.41 23.97
N PRO A 337 -9.47 14.22 22.76
CA PRO A 337 -8.02 14.07 22.63
C PRO A 337 -7.30 15.33 23.09
N LEU A 338 -6.12 15.14 23.67
CA LEU A 338 -5.30 16.26 24.14
C LEU A 338 -3.86 16.08 23.66
N GLY A 339 -3.57 16.63 22.47
CA GLY A 339 -2.22 16.45 21.92
C GLY A 339 -2.06 17.08 20.57
N ASP A 340 -0.88 16.88 20.00
CA ASP A 340 -0.51 17.46 18.72
C ASP A 340 0.84 16.79 18.36
N ASP A 341 1.45 17.29 17.30
CA ASP A 341 2.67 16.66 16.76
C ASP A 341 3.81 16.80 17.75
N PHE A 342 4.46 15.68 18.05
CA PHE A 342 5.65 15.67 18.92
C PHE A 342 5.44 16.46 20.21
N ARG A 343 4.22 16.34 20.74
CA ARG A 343 3.92 16.92 22.05
C ARG A 343 4.43 16.08 23.21
N PHE A 344 4.38 16.68 24.40
CA PHE A 344 4.76 16.04 25.66
C PHE A 344 6.23 15.69 25.69
N LYS A 345 7.05 16.64 25.22
CA LYS A 345 8.50 16.49 25.22
C LYS A 345 9.04 16.92 26.61
N GLN A 346 9.02 18.21 26.86
CA GLN A 346 9.69 18.74 28.02
C GLN A 346 8.91 18.47 29.30
N ASN A 347 9.61 18.30 30.41
CA ASN A 347 8.98 18.15 31.71
C ASN A 347 8.05 19.30 32.03
N THR A 348 8.47 20.52 31.67
CA THR A 348 7.64 21.72 31.91
C THR A 348 6.32 21.66 31.14
N GLU A 349 6.34 21.01 29.98
CA GLU A 349 5.11 20.82 29.21
C GLU A 349 4.17 19.79 29.84
N TRP A 350 4.72 18.67 30.28
CA TRP A 350 3.92 17.70 31.04
C TRP A 350 3.24 18.39 32.21
N ASP A 351 4.01 19.17 32.98
CA ASP A 351 3.48 19.84 34.16
C ASP A 351 2.39 20.83 33.79
N VAL A 352 2.65 21.66 32.79
CA VAL A 352 1.72 22.73 32.48
C VAL A 352 0.36 22.16 32.02
N GLN A 353 0.38 21.10 31.22
CA GLN A 353 -0.89 20.51 30.80
C GLN A 353 -1.56 19.78 31.96
N ARG A 354 -0.82 18.92 32.65
CA ARG A 354 -1.40 18.14 33.73
C ARG A 354 -1.99 19.02 34.86
N VAL A 355 -1.22 19.99 35.35
CA VAL A 355 -1.66 20.72 36.54
C VAL A 355 -2.88 21.55 36.21
N ASN A 356 -2.89 22.18 35.04
CA ASN A 356 -4.05 22.99 34.67
C ASN A 356 -5.31 22.15 34.46
N TYR A 357 -5.19 21.01 33.78
CA TYR A 357 -6.34 20.14 33.64
C TYR A 357 -6.79 19.55 34.96
N GLU A 358 -5.85 19.18 35.84
CA GLU A 358 -6.27 18.68 37.16
C GLU A 358 -7.12 19.73 37.92
N ARG A 359 -6.73 20.99 37.84
N ARG A 359 -6.77 21.01 37.82
CA ARG A 359 -7.51 22.01 38.52
CA ARG A 359 -7.54 22.10 38.49
C ARG A 359 -8.90 22.05 37.91
C ARG A 359 -8.92 22.32 37.86
N LEU A 360 -9.00 22.09 36.57
CA LEU A 360 -10.30 22.08 35.90
C LEU A 360 -11.14 20.88 36.33
N PHE A 361 -10.57 19.67 36.34
CA PHE A 361 -11.34 18.48 36.71
C PHE A 361 -11.83 18.60 38.15
N GLU A 362 -10.98 19.06 39.07
CA GLU A 362 -11.42 19.14 40.45
C GLU A 362 -12.62 20.10 40.60
N HIS A 363 -12.55 21.26 39.95
CA HIS A 363 -13.66 22.19 39.98
C HIS A 363 -14.90 21.60 39.32
N ILE A 364 -14.78 21.15 38.07
CA ILE A 364 -15.94 20.71 37.32
C ILE A 364 -16.63 19.54 38.01
N ASN A 365 -15.85 18.58 38.45
CA ASN A 365 -16.42 17.36 39.03
C ASN A 365 -17.10 17.59 40.39
N SER A 366 -16.76 18.71 41.03
CA SER A 366 -17.32 19.05 42.35
C SER A 366 -18.51 20.00 42.26
N GLN A 367 -18.73 20.59 41.09
CA GLN A 367 -19.85 21.50 40.89
C GLN A 367 -20.99 20.76 40.22
N ALA A 368 -21.95 20.33 41.04
CA ALA A 368 -23.07 19.52 40.54
C ALA A 368 -23.79 20.13 39.35
N HIS A 369 -23.88 21.46 39.31
CA HIS A 369 -24.58 22.15 38.24
C HIS A 369 -24.09 21.82 36.83
N PHE A 370 -22.81 21.42 36.70
CA PHE A 370 -22.30 21.04 35.38
C PHE A 370 -22.80 19.66 34.95
N ASN A 371 -23.03 18.76 35.92
CA ASN A 371 -23.41 17.38 35.65
C ASN A 371 -22.42 16.72 34.71
N VAL A 372 -21.15 16.93 35.03
CA VAL A 372 -20.02 16.37 34.27
C VAL A 372 -19.09 15.61 35.22
N GLN A 373 -18.56 14.47 34.77
CA GLN A 373 -17.43 13.80 35.42
C GLN A 373 -16.32 13.70 34.38
N ALA A 374 -15.24 14.48 34.58
CA ALA A 374 -14.14 14.56 33.63
C ALA A 374 -12.87 13.99 34.21
N GLN A 375 -12.09 13.28 33.38
CA GLN A 375 -10.86 12.68 33.86
C GLN A 375 -9.93 12.40 32.69
N PHE A 376 -8.64 12.28 32.99
CA PHE A 376 -7.74 11.70 31.99
C PHE A 376 -8.14 10.26 31.75
N GLY A 377 -8.10 9.88 30.46
CA GLY A 377 -8.41 8.50 30.12
C GLY A 377 -7.56 8.03 28.96
N THR A 378 -7.74 6.76 28.62
CA THR A 378 -7.17 6.21 27.41
C THR A 378 -8.27 5.95 26.39
N LEU A 379 -7.84 5.58 25.19
CA LEU A 379 -8.78 5.32 24.11
C LEU A 379 -9.67 4.13 24.41
N GLN A 380 -9.08 3.05 24.94
CA GLN A 380 -9.87 1.86 25.29
C GLN A 380 -10.91 2.21 26.35
N GLU A 381 -10.54 3.05 27.31
CA GLU A 381 -11.50 3.44 28.34
C GLU A 381 -12.71 4.17 27.74
N TYR A 382 -12.46 5.06 26.78
CA TYR A 382 -13.54 5.70 26.08
C TYR A 382 -14.45 4.68 25.41
N PHE A 383 -13.88 3.78 24.61
CA PHE A 383 -14.72 2.82 23.89
C PHE A 383 -15.46 1.90 24.84
N ASP A 384 -14.80 1.47 25.91
CA ASP A 384 -15.50 0.61 26.87
C ASP A 384 -16.74 1.30 27.44
N ALA A 385 -16.60 2.58 27.75
CA ALA A 385 -17.72 3.34 28.32
C ALA A 385 -18.82 3.58 27.29
N VAL A 386 -18.44 3.83 26.03
CA VAL A 386 -19.44 3.98 24.98
C VAL A 386 -20.26 2.70 24.86
N HIS A 387 -19.59 1.56 24.86
CA HIS A 387 -20.32 0.30 24.67
C HIS A 387 -21.12 -0.10 25.90
N GLN A 388 -20.69 0.35 27.09
CA GLN A 388 -21.51 0.18 28.30
C GLN A 388 -22.81 0.98 28.14
N ALA A 389 -22.71 2.19 27.59
CA ALA A 389 -23.90 3.03 27.36
C ALA A 389 -24.84 2.38 26.36
N GLU A 390 -24.28 1.84 25.29
CA GLU A 390 -25.01 1.12 24.26
C GLU A 390 -25.75 -0.07 24.85
N ARG A 391 -25.06 -0.86 25.65
CA ARG A 391 -25.66 -2.04 26.26
C ARG A 391 -26.77 -1.65 27.23
N ALA A 392 -26.66 -0.45 27.81
CA ALA A 392 -27.65 0.07 28.73
C ALA A 392 -28.89 0.60 27.97
N GLY A 393 -28.87 0.52 26.64
CA GLY A 393 -30.01 0.94 25.81
C GLY A 393 -30.03 2.42 25.53
N GLN A 394 -28.91 3.07 25.79
CA GLN A 394 -28.80 4.50 25.69
C GLN A 394 -28.64 4.97 24.24
N ALA A 395 -28.17 4.07 23.36
CA ALA A 395 -27.85 4.43 21.99
C ALA A 395 -27.86 3.21 21.07
N GLU A 396 -28.22 3.42 19.81
CA GLU A 396 -28.05 2.42 18.77
CA GLU A 396 -28.07 2.42 18.76
C GLU A 396 -27.23 3.09 17.68
N PHE A 397 -26.31 2.34 17.10
CA PHE A 397 -25.41 2.92 16.13
C PHE A 397 -25.75 2.54 14.70
N PRO A 398 -25.57 3.49 13.78
CA PRO A 398 -25.85 3.20 12.36
C PRO A 398 -24.79 2.31 11.73
N THR A 399 -25.17 1.64 10.65
CA THR A 399 -24.24 0.86 9.87
C THR A 399 -23.77 1.69 8.69
N LEU A 400 -22.53 1.43 8.24
CA LEU A 400 -21.97 2.25 7.17
C LEU A 400 -21.10 1.34 6.31
N SER A 401 -21.12 1.55 4.99
CA SER A 401 -20.09 0.98 4.11
C SER A 401 -19.60 2.06 3.17
N GLY A 402 -18.40 1.82 2.64
CA GLY A 402 -17.80 2.73 1.66
C GLY A 402 -16.41 3.14 2.14
N ASP A 403 -15.85 4.14 1.49
CA ASP A 403 -14.53 4.65 1.87
C ASP A 403 -14.61 6.15 2.11
N PHE A 404 -13.46 6.75 2.42
CA PHE A 404 -13.36 8.16 2.73
C PHE A 404 -12.24 8.78 1.92
N PHE A 405 -12.29 8.53 0.62
CA PHE A 405 -11.47 9.23 -0.37
C PHE A 405 -12.42 9.94 -1.33
N THR A 406 -12.01 11.04 -1.94
CA THR A 406 -10.75 11.75 -1.72
C THR A 406 -10.95 12.88 -0.70
N TYR A 407 -10.02 12.91 0.25
CA TYR A 407 -10.06 13.87 1.33
C TYR A 407 -9.86 15.30 0.85
N ALA A 408 -10.62 16.23 1.42
CA ALA A 408 -10.28 17.64 1.34
C ALA A 408 -10.40 18.19 2.74
N ASP A 409 -9.40 18.99 3.16
CA ASP A 409 -9.43 19.59 4.48
C ASP A 409 -10.13 20.95 4.48
N ARG A 410 -10.20 21.58 3.31
CA ARG A 410 -10.83 22.91 3.20
C ARG A 410 -10.99 23.26 1.74
N SER A 411 -12.01 24.07 1.46
CA SER A 411 -12.29 24.62 0.13
CA SER A 411 -12.16 24.65 0.14
C SER A 411 -12.16 23.56 -0.96
N ASP A 412 -11.38 23.80 -2.03
CA ASP A 412 -11.22 22.86 -3.12
C ASP A 412 -9.87 22.14 -2.99
N ASN A 413 -9.30 22.13 -1.79
CA ASN A 413 -7.95 21.56 -1.58
C ASN A 413 -8.11 20.04 -1.33
N TYR A 414 -8.25 19.29 -2.42
CA TYR A 414 -8.32 17.83 -2.40
C TYR A 414 -6.94 17.21 -2.43
N TRP A 415 -6.74 16.23 -1.55
CA TRP A 415 -5.42 15.65 -1.34
C TRP A 415 -5.25 14.46 -2.28
N SER A 416 -5.34 14.69 -3.60
CA SER A 416 -5.12 13.64 -4.55
C SER A 416 -3.72 13.67 -5.17
N GLY A 417 -2.91 14.68 -4.83
CA GLY A 417 -1.57 14.73 -5.39
C GLY A 417 -0.72 13.60 -4.83
N TYR A 418 -0.91 13.26 -3.56
CA TYR A 418 -0.02 12.25 -2.93
C TYR A 418 -0.31 10.82 -3.43
N TYR A 419 -1.36 10.66 -4.24
CA TYR A 419 -1.58 9.37 -4.89
C TYR A 419 -0.46 9.10 -5.91
N THR A 420 0.27 10.15 -6.31
CA THR A 420 1.33 10.00 -7.32
C THR A 420 2.71 10.46 -6.85
N SER A 421 2.76 11.37 -5.87
CA SER A 421 4.04 11.98 -5.50
C SER A 421 5.13 10.97 -5.23
N ARG A 422 6.34 11.25 -5.73
CA ARG A 422 7.50 10.35 -5.56
C ARG A 422 7.20 8.94 -6.05
N PRO A 423 6.87 8.82 -7.32
CA PRO A 423 6.43 7.52 -7.83
C PRO A 423 7.55 6.49 -7.90
N TYR A 424 8.80 6.92 -7.93
CA TYR A 424 9.90 5.93 -7.90
C TYR A 424 9.77 5.05 -6.66
N HIS A 425 9.48 5.70 -5.53
CA HIS A 425 9.44 4.98 -4.26
C HIS A 425 8.14 4.20 -4.09
N LYS A 426 7.06 4.70 -4.69
CA LYS A 426 5.82 3.94 -4.74
C LYS A 426 6.04 2.64 -5.49
N ARG A 427 6.76 2.68 -6.60
CA ARG A 427 7.05 1.46 -7.33
C ARG A 427 7.99 0.55 -6.50
N MET A 428 9.01 1.15 -5.88
CA MET A 428 9.92 0.37 -5.05
C MET A 428 9.18 -0.39 -3.95
N ASP A 429 8.14 0.24 -3.39
CA ASP A 429 7.33 -0.40 -2.35
C ASP A 429 6.80 -1.73 -2.83
N ARG A 430 6.29 -1.76 -4.06
CA ARG A 430 5.68 -2.98 -4.58
C ARG A 430 6.73 -4.05 -4.85
N VAL A 431 7.91 -3.60 -5.29
CA VAL A 431 8.99 -4.56 -5.52
C VAL A 431 9.41 -5.20 -4.20
N LEU A 432 9.67 -4.37 -3.20
CA LEU A 432 10.06 -4.89 -1.89
C LEU A 432 8.96 -5.73 -1.26
N MET A 433 7.68 -5.35 -1.46
CA MET A 433 6.59 -6.17 -0.98
C MET A 433 6.74 -7.62 -1.40
N HIS A 434 7.02 -7.80 -2.68
CA HIS A 434 7.16 -9.11 -3.25
C HIS A 434 8.41 -9.84 -2.75
N TYR A 435 9.53 -9.12 -2.71
N TYR A 435 9.53 -9.14 -2.66
CA TYR A 435 10.79 -9.68 -2.21
CA TYR A 435 10.73 -9.80 -2.21
C TYR A 435 10.61 -10.19 -0.77
C TYR A 435 10.71 -10.15 -0.72
N VAL A 436 9.95 -9.39 0.08
CA VAL A 436 9.76 -9.82 1.48
C VAL A 436 8.94 -11.11 1.47
N ARG A 437 7.84 -11.15 0.71
CA ARG A 437 7.03 -12.38 0.67
C ARG A 437 7.89 -13.57 0.22
N ALA A 438 8.65 -13.37 -0.87
CA ALA A 438 9.41 -14.47 -1.44
C ALA A 438 10.52 -14.95 -0.48
N ALA A 439 11.18 -14.01 0.18
CA ALA A 439 12.22 -14.37 1.14
C ALA A 439 11.66 -15.11 2.32
N GLU A 440 10.55 -14.62 2.87
CA GLU A 440 9.95 -15.32 4.00
C GLU A 440 9.48 -16.71 3.61
N MET A 441 8.89 -16.84 2.42
CA MET A 441 8.39 -18.14 1.98
C MET A 441 9.54 -19.12 1.68
N LEU A 442 10.50 -18.70 0.87
CA LEU A 442 11.62 -19.59 0.51
C LEU A 442 12.36 -20.09 1.74
N SER A 443 12.55 -19.23 2.73
CA SER A 443 13.30 -19.64 3.90
C SER A 443 12.48 -20.38 4.93
N ALA A 444 11.14 -20.32 4.80
CA ALA A 444 10.27 -21.00 5.75
C ALA A 444 10.34 -22.50 5.69
N TRP A 445 10.76 -23.02 4.54
CA TRP A 445 10.73 -24.49 4.35
C TRP A 445 11.66 -25.23 5.31
N HIS A 446 12.72 -24.54 5.76
CA HIS A 446 13.68 -25.15 6.67
C HIS A 446 13.79 -24.33 7.94
N SER A 447 14.31 -25.00 8.95
CA SER A 447 14.86 -24.32 10.12
CA SER A 447 14.83 -24.34 10.11
C SER A 447 16.31 -23.97 9.84
N TRP A 448 16.73 -22.78 10.26
CA TRP A 448 18.09 -22.33 9.98
C TRP A 448 18.91 -22.13 11.23
N ASP A 449 20.18 -22.53 11.18
CA ASP A 449 21.17 -22.20 12.21
C ASP A 449 21.23 -20.70 12.43
N GLY A 450 21.39 -20.25 13.67
CA GLY A 450 21.50 -18.83 13.93
C GLY A 450 22.61 -18.17 13.16
N MET A 451 23.66 -18.93 12.86
CA MET A 451 24.81 -18.39 12.14
CA MET A 451 24.81 -18.42 12.12
C MET A 451 24.43 -17.99 10.71
N ALA A 452 23.31 -18.51 10.21
CA ALA A 452 22.87 -18.16 8.86
C ALA A 452 22.28 -16.75 8.79
N ARG A 453 21.93 -16.18 9.95
CA ARG A 453 21.41 -14.80 10.03
C ARG A 453 20.14 -14.62 9.19
N ILE A 454 19.36 -15.68 9.07
CA ILE A 454 18.13 -15.59 8.29
C ILE A 454 17.13 -14.73 9.03
N GLU A 455 16.86 -15.01 10.29
CA GLU A 455 15.87 -14.22 11.03
C GLU A 455 16.28 -12.77 11.12
N GLU A 456 17.57 -12.51 11.30
CA GLU A 456 18.09 -11.16 11.38
C GLU A 456 17.80 -10.39 10.08
N ARG A 457 18.10 -11.00 8.94
CA ARG A 457 17.88 -10.31 7.65
C ARG A 457 16.40 -10.12 7.36
N LEU A 458 15.59 -11.11 7.71
CA LEU A 458 14.14 -10.98 7.48
C LEU A 458 13.54 -9.91 8.35
N GLU A 459 13.98 -9.82 9.62
CA GLU A 459 13.46 -8.78 10.50
C GLU A 459 13.81 -7.40 9.95
N GLN A 460 15.05 -7.24 9.49
CA GLN A 460 15.46 -5.96 8.90
C GLN A 460 14.55 -5.62 7.71
N ALA A 461 14.36 -6.59 6.82
CA ALA A 461 13.57 -6.31 5.62
C ALA A 461 12.11 -5.99 5.99
N ARG A 462 11.51 -6.77 6.90
CA ARG A 462 10.12 -6.48 7.30
C ARG A 462 10.03 -5.08 7.92
N ARG A 463 11.04 -4.70 8.70
CA ARG A 463 10.94 -3.43 9.43
C ARG A 463 11.11 -2.23 8.51
N GLU A 464 12.00 -2.35 7.52
CA GLU A 464 12.15 -1.24 6.60
C GLU A 464 10.96 -1.09 5.68
N LEU A 465 10.41 -2.20 5.19
CA LEU A 465 9.18 -2.08 4.39
C LEU A 465 8.04 -1.53 5.26
N SER A 466 7.94 -2.01 6.50
CA SER A 466 6.90 -1.53 7.41
C SER A 466 7.02 -0.04 7.65
N LEU A 467 8.24 0.43 7.88
CA LEU A 467 8.43 1.84 8.12
C LEU A 467 7.91 2.67 6.94
N PHE A 468 8.15 2.18 5.73
CA PHE A 468 7.76 2.97 4.56
C PHE A 468 6.25 3.07 4.39
N GLN A 469 5.48 2.22 5.10
CA GLN A 469 4.04 2.34 5.01
C GLN A 469 3.54 3.60 5.70
N HIS A 470 4.39 4.26 6.48
CA HIS A 470 4.03 5.49 7.17
C HIS A 470 3.33 6.46 6.19
N HIS A 471 2.43 7.28 6.72
CA HIS A 471 1.71 8.24 5.91
C HIS A 471 2.53 9.45 5.42
N ASP A 472 3.85 9.47 5.65
CA ASP A 472 4.74 10.35 4.89
C ASP A 472 5.82 9.56 4.14
N GLY A 473 5.68 8.23 4.07
CA GLY A 473 6.66 7.42 3.37
C GLY A 473 6.14 7.17 1.98
N ILE A 474 5.34 6.12 1.83
CA ILE A 474 4.83 5.73 0.52
C ILE A 474 4.05 6.86 -0.14
N THR A 475 3.51 7.76 0.66
CA THR A 475 2.72 8.89 0.16
C THR A 475 3.54 9.93 -0.60
N GLY A 476 4.86 9.91 -0.43
CA GLY A 476 5.68 10.89 -1.14
C GLY A 476 5.53 12.29 -0.58
N THR A 477 5.24 12.41 0.71
CA THR A 477 5.05 13.71 1.32
C THR A 477 6.14 14.09 2.31
N ALA A 478 7.34 13.49 2.21
CA ALA A 478 8.43 13.84 3.12
C ALA A 478 9.48 14.73 2.44
N LYS A 479 10.33 15.37 3.24
CA LYS A 479 11.41 16.16 2.66
C LYS A 479 12.36 15.28 1.86
N THR A 480 13.06 15.88 0.91
CA THR A 480 13.96 15.17 0.04
C THR A 480 14.94 14.28 0.80
N HIS A 481 15.57 14.78 1.86
CA HIS A 481 16.55 13.93 2.53
C HIS A 481 15.91 12.77 3.29
N VAL A 482 14.64 12.92 3.62
CA VAL A 482 13.93 11.86 4.29
C VAL A 482 13.53 10.78 3.26
N VAL A 483 13.10 11.19 2.08
CA VAL A 483 12.85 10.23 1.01
C VAL A 483 14.13 9.43 0.73
N VAL A 484 15.29 10.09 0.76
CA VAL A 484 16.56 9.39 0.53
C VAL A 484 16.79 8.37 1.62
N ASP A 485 16.50 8.72 2.87
CA ASP A 485 16.60 7.75 3.95
C ASP A 485 15.71 6.53 3.76
N TYR A 486 14.47 6.77 3.38
CA TYR A 486 13.57 5.65 3.13
C TYR A 486 14.10 4.77 2.00
N GLU A 487 14.61 5.40 0.94
CA GLU A 487 15.13 4.64 -0.18
C GLU A 487 16.33 3.79 0.22
N GLN A 488 17.24 4.37 0.98
CA GLN A 488 18.43 3.63 1.43
C GLN A 488 18.02 2.47 2.31
N ARG A 489 17.06 2.69 3.20
CA ARG A 489 16.55 1.62 4.05
C ARG A 489 15.95 0.52 3.18
N MET A 490 15.16 0.89 2.18
CA MET A 490 14.56 -0.11 1.32
C MET A 490 15.58 -0.87 0.47
N GLN A 491 16.66 -0.19 0.07
N GLN A 491 16.65 -0.17 0.07
CA GLN A 491 17.69 -0.85 -0.70
CA GLN A 491 17.74 -0.81 -0.68
C GLN A 491 18.38 -1.91 0.16
C GLN A 491 18.41 -1.88 0.15
N GLU A 492 18.64 -1.58 1.43
CA GLU A 492 19.22 -2.54 2.34
C GLU A 492 18.26 -3.71 2.53
N ALA A 493 16.97 -3.42 2.59
CA ALA A 493 16.00 -4.49 2.77
C ALA A 493 15.97 -5.42 1.54
N LEU A 494 16.06 -4.85 0.33
CA LEU A 494 16.13 -5.65 -0.88
C LEU A 494 17.35 -6.57 -0.86
N LYS A 495 18.48 -6.05 -0.41
CA LYS A 495 19.71 -6.88 -0.35
C LYS A 495 19.55 -7.99 0.68
N ALA A 496 18.91 -7.68 1.80
CA ALA A 496 18.64 -8.69 2.80
C ALA A 496 17.73 -9.81 2.22
N CYS A 497 16.70 -9.42 1.49
CA CYS A 497 15.80 -10.41 0.89
C CYS A 497 16.57 -11.26 -0.11
N GLN A 498 17.37 -10.63 -0.95
CA GLN A 498 18.16 -11.41 -1.93
C GLN A 498 19.03 -12.43 -1.22
N MET A 499 19.70 -12.01 -0.15
CA MET A 499 20.60 -12.92 0.55
C MET A 499 19.82 -14.13 1.04
N VAL A 500 18.67 -13.90 1.68
CA VAL A 500 17.91 -14.99 2.25
C VAL A 500 17.37 -15.89 1.14
N MET A 501 16.83 -15.28 0.08
CA MET A 501 16.28 -16.04 -1.03
C MET A 501 17.34 -16.94 -1.64
N GLN A 502 18.52 -16.41 -1.93
CA GLN A 502 19.50 -17.21 -2.66
C GLN A 502 20.08 -18.33 -1.77
N GLN A 503 20.30 -18.04 -0.49
CA GLN A 503 20.69 -19.14 0.42
C GLN A 503 19.62 -20.21 0.44
N SER A 504 18.36 -19.81 0.41
CA SER A 504 17.26 -20.79 0.46
C SER A 504 17.21 -21.64 -0.80
N VAL A 505 17.34 -21.01 -1.96
CA VAL A 505 17.33 -21.75 -3.22
C VAL A 505 18.48 -22.78 -3.24
N TYR A 506 19.65 -22.36 -2.79
CA TYR A 506 20.77 -23.28 -2.81
C TYR A 506 20.49 -24.50 -1.92
N ARG A 507 19.89 -24.27 -0.75
CA ARG A 507 19.56 -25.39 0.14
C ARG A 507 18.45 -26.28 -0.44
N LEU A 508 17.45 -25.66 -1.06
CA LEU A 508 16.32 -26.41 -1.54
C LEU A 508 16.65 -27.26 -2.75
N LEU A 509 17.69 -26.87 -3.50
CA LEU A 509 18.01 -27.53 -4.75
C LEU A 509 19.40 -28.17 -4.80
N THR A 510 20.02 -28.43 -3.63
CA THR A 510 21.30 -29.15 -3.61
C THR A 510 21.13 -30.46 -2.85
N LYS A 511 21.70 -31.52 -3.41
CA LYS A 511 21.65 -32.83 -2.76
C LYS A 511 22.08 -32.67 -1.32
N PRO A 512 21.26 -33.17 -0.38
CA PRO A 512 21.51 -32.95 1.02
C PRO A 512 22.90 -33.35 1.53
N SER A 513 23.43 -34.46 1.04
CA SER A 513 24.74 -34.90 1.54
C SER A 513 25.91 -34.14 0.95
N ILE A 514 25.62 -33.25 0.02
CA ILE A 514 26.62 -32.42 -0.66
C ILE A 514 26.55 -30.99 -0.11
N TYR A 515 25.36 -30.57 0.30
CA TYR A 515 25.12 -29.19 0.71
C TYR A 515 26.10 -28.74 1.79
N SER A 516 26.85 -27.68 1.51
CA SER A 516 27.91 -27.20 2.41
C SER A 516 27.98 -25.67 2.43
N PRO A 517 27.00 -25.04 3.08
CA PRO A 517 26.84 -23.62 2.90
C PRO A 517 27.82 -22.71 3.60
N ASP A 518 28.25 -21.68 2.89
CA ASP A 518 28.90 -20.54 3.48
C ASP A 518 27.80 -19.48 3.53
N PHE A 519 27.38 -19.14 4.73
CA PHE A 519 26.21 -18.29 4.89
C PHE A 519 26.43 -16.84 4.48
N SER A 520 27.67 -16.48 4.17
CA SER A 520 28.03 -15.13 3.69
C SER A 520 28.18 -15.11 2.16
N PHE A 521 28.12 -16.27 1.51
CA PHE A 521 28.46 -16.37 0.10
C PHE A 521 27.23 -16.19 -0.79
N SER A 522 27.43 -15.63 -1.98
CA SER A 522 26.34 -15.49 -2.96
C SER A 522 26.39 -16.64 -3.95
N TYR A 523 25.57 -17.65 -3.69
CA TYR A 523 25.41 -18.76 -4.61
C TYR A 523 24.66 -18.41 -5.89
N PHE A 524 23.72 -17.48 -5.75
CA PHE A 524 22.96 -16.98 -6.87
C PHE A 524 22.85 -15.49 -6.75
N THR A 525 22.70 -14.84 -7.88
CA THR A 525 22.25 -13.46 -7.85
C THR A 525 20.86 -13.36 -8.46
N LEU A 526 20.06 -12.45 -7.92
CA LEU A 526 18.74 -12.24 -8.49
C LEU A 526 18.86 -11.44 -9.77
N ASP A 527 18.02 -11.77 -10.73
CA ASP A 527 17.96 -11.02 -11.98
C ASP A 527 16.56 -10.46 -12.05
N ASP A 528 16.43 -9.15 -12.08
CA ASP A 528 15.11 -8.56 -12.08
C ASP A 528 15.01 -7.69 -13.32
N SER A 529 14.11 -8.05 -14.23
CA SER A 529 13.94 -7.31 -15.48
C SER A 529 13.16 -6.02 -15.38
N ARG A 530 12.50 -5.78 -14.26
CA ARG A 530 11.64 -4.60 -14.15
C ARG A 530 11.92 -3.72 -12.96
N TRP A 531 13.01 -3.96 -12.24
CA TRP A 531 13.39 -3.05 -11.17
C TRP A 531 14.90 -3.07 -11.03
N PRO A 532 15.56 -1.90 -10.99
CA PRO A 532 15.00 -0.57 -11.21
C PRO A 532 14.54 -0.35 -12.62
N GLY A 533 14.98 -1.20 -13.53
CA GLY A 533 14.47 -1.16 -14.91
C GLY A 533 15.45 -0.65 -15.92
N SER A 534 15.23 -1.10 -17.16
CA SER A 534 16.00 -0.65 -18.31
C SER A 534 15.84 0.84 -18.43
N GLY A 535 16.98 1.53 -18.49
CA GLY A 535 16.99 3.00 -18.56
C GLY A 535 16.87 3.71 -17.22
N VAL A 536 16.75 2.94 -16.14
CA VAL A 536 16.75 3.52 -14.80
C VAL A 536 18.11 3.25 -14.14
N GLU A 537 18.50 1.98 -14.10
CA GLU A 537 19.81 1.56 -13.59
C GLU A 537 20.31 0.42 -14.47
N ASP A 538 21.58 0.48 -14.89
CA ASP A 538 22.16 -0.64 -15.68
C ASP A 538 22.76 -1.63 -14.68
N SER A 539 21.90 -2.40 -14.01
CA SER A 539 22.36 -3.22 -12.88
C SER A 539 22.24 -4.72 -13.09
N ARG A 540 21.62 -5.12 -14.20
CA ARG A 540 21.46 -6.54 -14.51
C ARG A 540 22.77 -7.12 -14.95
N THR A 541 23.05 -8.32 -14.46
CA THR A 541 24.26 -9.01 -14.83
C THR A 541 24.05 -9.80 -16.11
N THR A 542 25.07 -9.81 -16.94
CA THR A 542 25.06 -10.60 -18.14
C THR A 542 25.61 -11.97 -17.82
N ILE A 543 24.94 -12.99 -18.31
CA ILE A 543 25.48 -14.33 -18.22
C ILE A 543 26.55 -14.47 -19.32
N ILE A 544 27.80 -14.62 -18.87
CA ILE A 544 28.94 -14.63 -19.79
C ILE A 544 29.35 -16.06 -20.09
N LEU A 545 29.11 -16.43 -21.34
CA LEU A 545 29.39 -17.76 -21.84
C LEU A 545 30.40 -17.66 -22.97
N GLY A 546 31.17 -18.72 -23.19
CA GLY A 546 32.14 -18.71 -24.27
C GLY A 546 32.95 -19.97 -24.19
N GLU A 547 33.43 -20.42 -25.35
CA GLU A 547 34.15 -21.69 -25.42
C GLU A 547 35.40 -21.68 -24.56
N ASP A 548 36.01 -20.51 -24.45
CA ASP A 548 37.24 -20.36 -23.68
C ASP A 548 37.01 -19.82 -22.29
N ILE A 549 35.76 -19.84 -21.83
CA ILE A 549 35.50 -19.43 -20.44
C ILE A 549 34.50 -20.31 -19.70
N LEU A 550 33.34 -20.54 -20.30
CA LEU A 550 32.22 -21.19 -19.60
C LEU A 550 31.16 -21.58 -20.61
N PRO A 551 30.94 -22.87 -20.79
CA PRO A 551 29.95 -23.29 -21.77
C PRO A 551 28.48 -23.10 -21.42
N SER A 552 28.14 -23.13 -20.14
CA SER A 552 26.74 -23.15 -19.78
C SER A 552 26.54 -22.56 -18.39
N LYS A 553 25.28 -22.25 -18.10
CA LYS A 553 24.92 -21.61 -16.83
C LYS A 553 23.55 -22.13 -16.37
N HIS A 554 23.47 -22.52 -15.09
CA HIS A 554 22.18 -22.82 -14.48
C HIS A 554 21.47 -21.56 -14.00
N VAL A 555 20.17 -21.52 -14.26
CA VAL A 555 19.29 -20.47 -13.73
C VAL A 555 18.12 -21.15 -13.05
N VAL A 556 17.52 -20.49 -12.05
CA VAL A 556 16.44 -21.07 -11.28
C VAL A 556 15.34 -20.03 -11.17
N MET A 557 14.11 -20.48 -11.38
CA MET A 557 12.93 -19.62 -11.16
C MET A 557 12.16 -20.07 -9.93
N HIS A 558 11.71 -19.09 -9.15
CA HIS A 558 10.82 -19.31 -8.04
C HIS A 558 9.43 -18.76 -8.34
N ASN A 559 8.41 -19.51 -7.90
CA ASN A 559 7.03 -19.12 -8.07
C ASN A 559 6.38 -19.05 -6.70
N THR A 560 6.15 -17.84 -6.19
CA THR A 560 5.59 -17.73 -4.84
C THR A 560 4.07 -18.05 -4.78
N LEU A 561 3.41 -18.10 -5.93
CA LEU A 561 1.96 -18.36 -5.94
C LEU A 561 1.66 -19.85 -5.82
N PRO A 562 0.55 -20.19 -5.17
CA PRO A 562 0.23 -21.60 -4.93
C PRO A 562 -0.47 -22.32 -6.09
N HIS A 563 -0.05 -22.02 -7.30
CA HIS A 563 -0.52 -22.77 -8.46
C HIS A 563 0.60 -22.86 -9.46
N TRP A 564 0.61 -23.89 -10.29
CA TRP A 564 1.62 -23.99 -11.36
C TRP A 564 1.55 -22.75 -12.21
N ARG A 565 2.72 -22.24 -12.61
CA ARG A 565 2.73 -21.06 -13.45
C ARG A 565 3.73 -21.28 -14.56
N GLU A 566 3.30 -20.93 -15.76
CA GLU A 566 4.22 -20.71 -16.85
C GLU A 566 4.29 -19.19 -17.05
N GLN A 567 5.48 -18.71 -17.42
CA GLN A 567 5.65 -17.26 -17.63
C GLN A 567 6.93 -17.16 -18.44
N LEU A 568 6.92 -16.27 -19.43
CA LEU A 568 8.21 -15.96 -20.09
C LEU A 568 9.11 -15.27 -19.11
N VAL A 569 10.37 -15.68 -19.15
CA VAL A 569 11.45 -15.06 -18.38
C VAL A 569 12.57 -14.68 -19.34
N ASP A 570 13.35 -13.67 -18.98
CA ASP A 570 14.42 -13.25 -19.86
C ASP A 570 15.70 -13.02 -19.07
N PHE A 571 16.82 -13.29 -19.71
CA PHE A 571 18.13 -13.05 -19.13
C PHE A 571 18.98 -12.35 -20.17
N TYR A 572 20.00 -11.62 -19.72
CA TYR A 572 21.01 -11.09 -20.61
C TYR A 572 22.11 -12.13 -20.74
N VAL A 573 22.55 -12.35 -21.99
CA VAL A 573 23.62 -13.31 -22.28
C VAL A 573 24.63 -12.65 -23.21
N SER A 574 25.87 -13.15 -23.19
CA SER A 574 26.96 -12.53 -23.96
C SER A 574 27.05 -13.01 -25.40
N SER A 575 26.15 -13.88 -25.83
CA SER A 575 26.13 -14.39 -27.20
C SER A 575 24.69 -14.60 -27.62
N PRO A 576 24.38 -14.42 -28.90
CA PRO A 576 23.02 -14.72 -29.37
C PRO A 576 22.82 -16.20 -29.58
N PHE A 577 23.90 -16.97 -29.59
CA PHE A 577 23.81 -18.40 -29.91
C PHE A 577 23.70 -19.21 -28.62
N VAL A 578 22.52 -19.11 -28.02
CA VAL A 578 22.28 -19.74 -26.74
C VAL A 578 21.01 -20.57 -26.81
N SER A 579 21.04 -21.74 -26.21
CA SER A 579 19.84 -22.53 -26.16
C SER A 579 19.54 -22.95 -24.75
N VAL A 580 18.27 -23.27 -24.53
CA VAL A 580 17.79 -23.56 -23.20
C VAL A 580 17.36 -25.01 -23.09
N THR A 581 17.67 -25.62 -21.94
CA THR A 581 17.16 -26.94 -21.61
C THR A 581 16.64 -26.94 -20.19
N ASP A 582 15.74 -27.87 -19.88
CA ASP A 582 15.32 -28.11 -18.50
C ASP A 582 16.29 -29.07 -17.83
N LEU A 583 16.09 -29.47 -16.58
CA LEU A 583 17.18 -30.32 -16.03
C LEU A 583 17.06 -31.81 -16.41
N ALA A 584 16.03 -32.17 -17.18
CA ALA A 584 16.05 -33.47 -17.86
C ALA A 584 16.64 -33.33 -19.25
N ASN A 585 17.21 -32.18 -19.55
CA ASN A 585 17.91 -31.94 -20.80
C ASN A 585 16.93 -31.87 -21.99
N ASN A 586 15.66 -31.62 -21.71
CA ASN A 586 14.65 -31.40 -22.75
C ASN A 586 14.85 -29.98 -23.30
N PRO A 587 14.89 -29.83 -24.63
CA PRO A 587 15.03 -28.47 -25.18
C PRO A 587 13.81 -27.62 -24.83
N VAL A 588 14.04 -26.32 -24.67
CA VAL A 588 12.98 -25.38 -24.39
C VAL A 588 13.06 -24.32 -25.49
N GLU A 589 11.94 -24.02 -26.13
CA GLU A 589 11.91 -23.02 -27.18
CA GLU A 589 11.92 -23.02 -27.19
C GLU A 589 12.30 -21.67 -26.59
N ALA A 590 13.12 -20.93 -27.31
CA ALA A 590 13.60 -19.64 -26.83
C ALA A 590 13.63 -18.65 -27.95
N GLN A 591 13.64 -17.38 -27.57
CA GLN A 591 13.74 -16.30 -28.52
C GLN A 591 14.86 -15.40 -28.05
N VAL A 592 15.71 -14.92 -28.97
CA VAL A 592 16.76 -13.95 -28.64
C VAL A 592 16.41 -12.65 -29.33
N SER A 593 16.57 -11.56 -28.60
CA SER A 593 16.32 -10.20 -29.07
C SER A 593 17.52 -9.37 -28.68
N PRO A 594 17.69 -8.21 -29.33
CA PRO A 594 18.77 -7.35 -28.91
C PRO A 594 18.48 -6.69 -27.57
N VAL A 595 19.51 -6.09 -26.97
CA VAL A 595 19.30 -5.26 -25.80
C VAL A 595 19.29 -3.82 -26.29
N TRP A 596 18.14 -3.19 -26.17
CA TRP A 596 17.91 -1.84 -26.67
C TRP A 596 17.87 -0.87 -25.50
N SER A 597 18.61 0.23 -25.63
CA SER A 597 18.54 1.29 -24.65
C SER A 597 18.27 2.61 -25.35
N TRP A 598 17.47 3.45 -24.70
CA TRP A 598 17.07 4.70 -25.30
C TRP A 598 17.91 5.84 -24.77
N HIS A 599 18.31 6.72 -25.67
CA HIS A 599 19.22 7.79 -25.33
C HIS A 599 18.64 9.10 -25.79
N HIS A 600 18.67 10.11 -24.92
CA HIS A 600 18.36 11.44 -25.38
C HIS A 600 19.63 12.01 -25.93
N ASP A 601 19.65 12.10 -27.25
CA ASP A 601 20.78 12.56 -28.00
C ASP A 601 20.78 14.09 -27.95
N THR A 602 21.71 14.66 -27.19
CA THR A 602 21.72 16.11 -27.02
C THR A 602 22.37 16.81 -28.22
N LEU A 603 23.00 16.04 -29.11
CA LEU A 603 23.48 16.58 -30.36
C LEU A 603 22.37 16.76 -31.38
N THR A 604 21.66 15.68 -31.69
CA THR A 604 20.61 15.68 -32.70
C THR A 604 19.23 16.12 -32.15
N LYS A 605 19.11 16.20 -30.83
CA LYS A 605 17.87 16.58 -30.14
C LYS A 605 16.75 15.58 -30.44
N THR A 606 17.10 14.31 -30.40
CA THR A 606 16.11 13.25 -30.62
C THR A 606 16.30 12.22 -29.52
N ILE A 607 15.25 11.43 -29.31
CA ILE A 607 15.31 10.31 -28.38
C ILE A 607 15.24 9.03 -29.22
N HIS A 608 16.29 8.23 -29.14
CA HIS A 608 16.38 7.10 -30.07
C HIS A 608 17.09 5.91 -29.43
N PRO A 609 16.84 4.71 -29.95
CA PRO A 609 17.41 3.54 -29.33
C PRO A 609 18.75 3.14 -29.91
N GLN A 610 19.59 2.60 -29.03
CA GLN A 610 20.88 2.04 -29.41
C GLN A 610 20.89 0.57 -29.02
N GLY A 611 21.45 -0.26 -29.86
CA GLY A 611 21.48 -1.70 -29.57
C GLY A 611 22.85 -2.09 -29.08
N SER A 612 22.89 -3.03 -28.15
CA SER A 612 24.17 -3.56 -27.68
C SER A 612 24.79 -4.43 -28.75
N THR A 613 26.12 -4.36 -28.83
CA THR A 613 26.85 -5.24 -29.71
C THR A 613 27.55 -6.37 -28.91
N THR A 614 27.33 -6.38 -27.59
CA THR A 614 27.99 -7.34 -26.69
C THR A 614 27.07 -8.20 -25.81
N LYS A 615 25.80 -7.80 -25.68
CA LYS A 615 24.85 -8.61 -24.91
C LYS A 615 23.50 -8.64 -25.58
N TYR A 616 22.75 -9.70 -25.28
CA TYR A 616 21.52 -10.05 -25.96
C TYR A 616 20.54 -10.55 -24.92
N ARG A 617 19.25 -10.49 -25.25
CA ARG A 617 18.23 -10.97 -24.33
C ARG A 617 17.78 -12.32 -24.81
N ILE A 618 17.76 -13.31 -23.94
CA ILE A 618 17.13 -14.59 -24.25
C ILE A 618 15.89 -14.77 -23.43
N ILE A 619 14.84 -15.24 -24.07
CA ILE A 619 13.50 -15.29 -23.48
C ILE A 619 12.96 -16.69 -23.70
N PHE A 620 12.36 -17.27 -22.67
CA PHE A 620 11.79 -18.60 -22.80
C PHE A 620 10.72 -18.77 -21.74
N LYS A 621 9.87 -19.77 -21.93
CA LYS A 621 8.82 -20.02 -20.96
C LYS A 621 9.33 -20.91 -19.85
N ALA A 622 9.26 -20.41 -18.60
CA ALA A 622 9.57 -21.24 -17.45
C ALA A 622 8.28 -21.81 -16.85
N ARG A 623 8.30 -23.08 -16.50
CA ARG A 623 7.17 -23.74 -15.86
C ARG A 623 7.56 -24.13 -14.47
N VAL A 624 6.85 -23.56 -13.47
CA VAL A 624 7.35 -23.59 -12.09
C VAL A 624 6.24 -24.12 -11.18
N PRO A 625 6.57 -25.06 -10.28
CA PRO A 625 5.53 -25.62 -9.41
C PRO A 625 4.91 -24.57 -8.47
N PRO A 626 3.77 -24.91 -7.87
CA PRO A 626 3.19 -24.03 -6.84
C PRO A 626 4.21 -23.84 -5.72
N MET A 627 4.44 -22.58 -5.32
CA MET A 627 5.36 -22.28 -4.21
C MET A 627 6.68 -23.02 -4.37
N GLY A 628 7.16 -23.06 -5.62
CA GLY A 628 8.25 -23.94 -5.98
C GLY A 628 9.36 -23.34 -6.81
N LEU A 629 10.25 -24.23 -7.24
CA LEU A 629 11.44 -23.84 -7.98
C LEU A 629 11.61 -24.74 -9.18
N ALA A 630 12.17 -24.17 -10.25
CA ALA A 630 12.48 -24.95 -11.46
C ALA A 630 13.81 -24.48 -11.99
N THR A 631 14.65 -25.43 -12.35
CA THR A 631 16.00 -25.16 -12.87
C THR A 631 16.09 -25.33 -14.38
N TYR A 632 16.79 -24.40 -15.03
CA TYR A 632 17.05 -24.48 -16.46
C TYR A 632 18.52 -24.24 -16.71
N VAL A 633 18.98 -24.61 -17.91
CA VAL A 633 20.37 -24.45 -18.28
C VAL A 633 20.46 -23.70 -19.60
N LEU A 634 21.34 -22.71 -19.63
CA LEU A 634 21.63 -21.93 -20.84
C LEU A 634 22.99 -22.38 -21.36
N THR A 635 23.04 -22.76 -22.64
CA THR A 635 24.28 -23.29 -23.22
C THR A 635 24.62 -22.56 -24.51
N ILE A 636 25.89 -22.20 -24.66
CA ILE A 636 26.33 -21.49 -25.85
C ILE A 636 26.66 -22.49 -26.94
N SER A 637 26.49 -22.07 -28.19
CA SER A 637 26.98 -22.86 -29.33
C SER A 637 27.63 -21.92 -30.31
N ASP A 638 28.26 -22.46 -31.36
CA ASP A 638 28.96 -21.56 -32.29
C ASP A 638 28.06 -20.91 -33.32
N SER A 639 26.86 -21.49 -33.49
CA SER A 639 25.90 -21.00 -34.46
C SER A 639 24.47 -21.14 -33.94
N LYS A 640 23.51 -20.72 -34.77
CA LYS A 640 22.10 -20.70 -34.37
C LYS A 640 21.66 -22.07 -33.92
N PRO A 641 21.19 -22.18 -32.66
CA PRO A 641 20.65 -23.44 -32.13
C PRO A 641 19.29 -23.75 -32.70
N GLU A 642 18.96 -25.04 -32.73
CA GLU A 642 17.72 -25.52 -33.31
C GLU A 642 16.46 -24.93 -32.68
N HIS A 643 16.48 -24.74 -31.36
CA HIS A 643 15.27 -24.33 -30.65
C HIS A 643 15.27 -22.86 -30.21
N THR A 644 16.12 -22.06 -30.82
CA THR A 644 16.18 -20.65 -30.51
C THR A 644 15.90 -19.86 -31.79
N SER A 645 14.94 -18.93 -31.71
CA SER A 645 14.60 -18.06 -32.84
C SER A 645 15.06 -16.65 -32.52
N TYR A 646 15.06 -15.78 -33.54
CA TYR A 646 15.61 -14.43 -33.43
C TYR A 646 14.56 -13.44 -33.85
N ALA A 647 14.33 -12.42 -33.02
CA ALA A 647 13.37 -11.39 -33.36
C ALA A 647 13.85 -10.53 -34.52
N SER A 648 12.88 -10.04 -35.30
CA SER A 648 13.19 -9.01 -36.26
C SER A 648 13.06 -7.65 -35.57
N ASN A 649 13.69 -6.63 -36.13
CA ASN A 649 13.66 -5.29 -35.54
C ASN A 649 13.50 -4.28 -36.63
N LEU A 650 12.60 -3.36 -36.41
CA LEU A 650 12.25 -2.35 -37.39
C LEU A 650 12.25 -1.00 -36.71
N LEU A 651 13.12 -0.10 -37.17
CA LEU A 651 13.23 1.23 -36.60
C LEU A 651 12.55 2.22 -37.53
N LEU A 652 11.49 2.85 -37.05
CA LEU A 652 10.70 3.78 -37.84
C LEU A 652 11.05 5.21 -37.49
N ARG A 653 11.68 5.89 -38.45
CA ARG A 653 12.09 7.28 -38.30
C ARG A 653 12.58 7.72 -39.68
N LYS A 654 12.37 8.97 -39.98
CA LYS A 654 13.01 9.57 -41.15
C LYS A 654 14.50 9.78 -40.84
N ASN A 655 15.33 9.86 -41.87
CA ASN A 655 16.78 10.06 -41.67
C ASN A 655 17.36 9.03 -40.71
N PRO A 656 17.19 7.73 -41.01
CA PRO A 656 17.79 6.76 -40.10
C PRO A 656 19.28 6.68 -40.33
N THR A 657 19.97 6.16 -39.32
CA THR A 657 21.36 5.78 -39.45
C THR A 657 21.46 4.32 -39.01
N SER A 658 22.57 3.70 -39.33
CA SER A 658 22.77 2.28 -39.12
C SER A 658 22.71 1.92 -37.62
N LEU A 659 22.38 0.66 -37.36
CA LEU A 659 22.27 0.13 -35.99
C LEU A 659 22.88 -1.26 -35.98
N PRO A 660 24.23 -1.34 -35.89
CA PRO A 660 24.84 -2.65 -35.83
C PRO A 660 24.55 -3.36 -34.50
N LEU A 661 24.54 -4.68 -34.55
CA LEU A 661 24.14 -5.48 -33.38
C LEU A 661 25.12 -6.63 -33.06
N GLY A 662 26.39 -6.44 -33.39
CA GLY A 662 27.40 -7.49 -33.14
C GLY A 662 27.06 -8.77 -33.87
N GLN A 663 27.05 -9.88 -33.13
CA GLN A 663 26.77 -11.17 -33.73
C GLN A 663 25.29 -11.46 -33.95
N TYR A 664 24.41 -10.55 -33.54
CA TYR A 664 22.98 -10.81 -33.71
C TYR A 664 22.70 -11.12 -35.17
N PRO A 665 22.05 -12.25 -35.45
CA PRO A 665 21.97 -12.72 -36.85
C PRO A 665 20.99 -12.04 -37.82
N GLU A 666 20.18 -11.09 -37.35
CA GLU A 666 19.16 -10.45 -38.21
C GLU A 666 19.46 -8.98 -38.26
N ASP A 667 19.63 -8.43 -39.46
CA ASP A 667 19.91 -7.01 -39.61
C ASP A 667 18.67 -6.17 -39.26
N VAL A 668 18.89 -5.06 -38.57
CA VAL A 668 17.80 -4.09 -38.31
C VAL A 668 17.30 -3.56 -39.64
N LYS A 669 15.98 -3.44 -39.76
CA LYS A 669 15.30 -2.81 -40.90
C LYS A 669 14.85 -1.40 -40.53
N PHE A 670 14.75 -0.53 -41.53
CA PHE A 670 14.39 0.87 -41.35
C PHE A 670 13.19 1.21 -42.21
N GLY A 671 12.44 2.21 -41.77
CA GLY A 671 11.31 2.72 -42.55
C GLY A 671 10.84 4.06 -42.02
N ASP A 672 10.05 4.75 -42.84
CA ASP A 672 9.40 5.96 -42.39
C ASP A 672 8.31 5.59 -41.38
N PRO A 673 8.02 6.51 -40.43
CA PRO A 673 6.87 6.25 -39.53
C PRO A 673 5.62 5.81 -40.28
N ARG A 674 4.94 4.81 -39.73
CA ARG A 674 3.73 4.28 -40.34
C ARG A 674 2.92 3.52 -39.30
N GLU A 675 1.62 3.37 -39.54
CA GLU A 675 0.82 2.53 -38.66
C GLU A 675 1.28 1.10 -38.74
N ILE A 676 1.23 0.37 -37.63
CA ILE A 676 1.56 -1.03 -37.68
C ILE A 676 0.63 -1.84 -36.83
N SER A 677 0.63 -3.14 -37.09
CA SER A 677 -0.20 -4.08 -36.38
C SER A 677 0.65 -5.31 -36.02
N LEU A 678 0.39 -5.88 -34.84
CA LEU A 678 1.15 -7.02 -34.36
C LEU A 678 0.22 -8.01 -33.68
N ARG A 679 0.55 -9.29 -33.79
CA ARG A 679 -0.14 -10.36 -33.10
C ARG A 679 0.90 -11.40 -32.67
N VAL A 680 0.90 -11.74 -31.39
CA VAL A 680 1.72 -12.81 -30.91
C VAL A 680 0.85 -14.01 -30.56
N GLY A 681 1.29 -15.19 -31.01
CA GLY A 681 0.57 -16.44 -30.77
C GLY A 681 -0.85 -16.33 -31.31
N ASN A 682 -1.80 -16.81 -30.52
CA ASN A 682 -3.21 -16.72 -30.91
C ASN A 682 -3.94 -15.60 -30.19
N GLY A 683 -3.16 -14.66 -29.64
CA GLY A 683 -3.69 -13.64 -28.78
C GLY A 683 -4.24 -12.46 -29.55
N PRO A 684 -4.43 -11.31 -28.87
CA PRO A 684 -5.04 -10.18 -29.54
C PRO A 684 -4.14 -9.57 -30.62
N THR A 685 -4.75 -8.91 -31.58
CA THR A 685 -4.03 -8.14 -32.58
C THR A 685 -4.15 -6.69 -32.18
N LEU A 686 -2.99 -6.02 -32.06
CA LEU A 686 -2.93 -4.66 -31.59
C LEU A 686 -2.50 -3.79 -32.76
N ALA A 687 -3.18 -2.68 -32.94
CA ALA A 687 -2.79 -1.70 -33.96
C ALA A 687 -2.27 -0.44 -33.30
N PHE A 688 -1.26 0.16 -33.92
CA PHE A 688 -0.53 1.30 -33.37
C PHE A 688 -0.53 2.43 -34.37
N SER A 689 -0.61 3.64 -33.85
CA SER A 689 -0.44 4.86 -34.64
C SER A 689 1.00 4.99 -35.15
N GLU A 690 1.19 5.90 -36.11
CA GLU A 690 2.53 6.21 -36.55
C GLU A 690 3.42 6.81 -35.45
N GLN A 691 2.80 7.24 -34.35
CA GLN A 691 3.57 7.69 -33.19
C GLN A 691 3.87 6.57 -32.18
N GLY A 692 3.53 5.33 -32.50
CA GLY A 692 3.88 4.17 -31.69
C GLY A 692 2.95 3.92 -30.50
N LEU A 693 1.76 4.50 -30.57
CA LEU A 693 0.78 4.40 -29.48
C LEU A 693 -0.40 3.56 -29.93
N LEU A 694 -0.87 2.71 -29.03
CA LEU A 694 -1.98 1.83 -29.30
C LEU A 694 -3.17 2.65 -29.80
N LYS A 695 -3.82 2.12 -30.84
CA LYS A 695 -5.07 2.68 -31.32
C LYS A 695 -6.24 1.70 -31.30
N SER A 696 -6.00 0.40 -31.37
CA SER A 696 -7.10 -0.57 -31.35
C SER A 696 -6.64 -1.94 -30.93
N ILE A 697 -7.58 -2.72 -30.39
CA ILE A 697 -7.34 -4.09 -30.02
C ILE A 697 -8.40 -4.97 -30.66
N GLN A 698 -7.96 -6.06 -31.31
CA GLN A 698 -8.85 -7.04 -31.91
C GLN A 698 -8.63 -8.34 -31.16
N LEU A 699 -9.64 -8.77 -30.39
CA LEU A 699 -9.48 -9.92 -29.52
C LEU A 699 -9.26 -11.25 -30.24
N THR A 700 -9.99 -11.46 -31.33
CA THR A 700 -9.95 -12.72 -32.08
C THR A 700 -9.95 -12.45 -33.59
N GLN A 701 -9.68 -13.48 -34.36
CA GLN A 701 -9.63 -13.41 -35.84
C GLN A 701 -10.81 -12.65 -36.48
N ASP A 702 -12.03 -12.93 -36.02
CA ASP A 702 -13.23 -12.37 -36.62
C ASP A 702 -13.66 -11.00 -36.06
N SER A 703 -13.32 -10.75 -34.79
CA SER A 703 -13.93 -9.66 -34.00
C SER A 703 -13.57 -8.25 -34.46
N PRO A 704 -14.33 -7.23 -33.99
CA PRO A 704 -14.03 -5.84 -34.33
C PRO A 704 -12.66 -5.36 -33.84
N HIS A 705 -12.09 -4.40 -34.55
CA HIS A 705 -10.92 -3.67 -34.05
C HIS A 705 -11.44 -2.59 -33.11
N VAL A 706 -11.43 -2.90 -31.81
CA VAL A 706 -12.02 -2.01 -30.80
C VAL A 706 -11.12 -0.81 -30.53
N PRO A 707 -11.62 0.42 -30.71
CA PRO A 707 -10.82 1.60 -30.43
C PRO A 707 -10.36 1.62 -28.97
N VAL A 708 -9.05 1.67 -28.77
CA VAL A 708 -8.44 1.77 -27.45
C VAL A 708 -7.19 2.61 -27.75
N HIS A 709 -7.23 3.87 -27.40
CA HIS A 709 -6.18 4.82 -27.80
CA HIS A 709 -6.15 4.77 -27.77
C HIS A 709 -5.41 5.31 -26.57
N PHE A 710 -4.09 5.11 -26.53
CA PHE A 710 -3.26 5.72 -25.52
C PHE A 710 -2.86 7.14 -25.94
N LYS A 711 -2.83 8.04 -24.96
CA LYS A 711 -2.47 9.41 -25.17
C LYS A 711 -1.78 9.89 -23.90
N PHE A 712 -0.75 10.73 -24.05
CA PHE A 712 -0.11 11.42 -22.95
C PHE A 712 -0.45 12.90 -22.93
N LEU A 713 -0.84 13.39 -21.76
CA LEU A 713 -1.23 14.79 -21.57
C LEU A 713 -0.52 15.35 -20.37
N LYS A 714 -0.63 16.65 -20.18
CA LYS A 714 -0.01 17.31 -19.07
C LYS A 714 -0.99 18.23 -18.38
N TYR A 715 -0.95 18.18 -17.05
CA TYR A 715 -1.62 19.18 -16.23
C TYR A 715 -0.60 20.19 -15.76
N GLY A 716 -1.04 21.41 -15.53
CA GLY A 716 -0.17 22.44 -15.01
C GLY A 716 -0.64 22.88 -13.64
N VAL A 717 -0.16 24.04 -13.22
CA VAL A 717 -0.38 24.56 -11.90
C VAL A 717 -0.98 25.97 -12.06
N ARG A 718 -1.80 26.37 -11.11
CA ARG A 718 -2.47 27.67 -11.16
C ARG A 718 -1.48 28.78 -10.95
N SER A 719 -1.70 29.89 -11.67
CA SER A 719 -0.87 31.07 -11.53
C SER A 719 -1.47 32.07 -10.52
N HIS A 720 -2.71 31.84 -10.14
N HIS A 720 -2.70 31.80 -10.12
CA HIS A 720 -3.34 32.54 -9.02
CA HIS A 720 -3.39 32.52 -9.05
C HIS A 720 -4.10 31.57 -8.13
C HIS A 720 -4.05 31.52 -8.12
N GLY A 721 -4.12 31.85 -6.84
CA GLY A 721 -4.76 30.97 -5.86
C GLY A 721 -3.79 29.88 -5.40
N ASP A 722 -4.35 28.74 -5.06
CA ASP A 722 -3.55 27.73 -4.37
C ASP A 722 -2.76 26.90 -5.37
N ARG A 723 -1.52 26.57 -4.99
CA ARG A 723 -0.62 25.81 -5.84
C ARG A 723 -0.60 24.33 -5.45
N SER A 724 -0.54 23.48 -6.46
CA SER A 724 -0.31 22.07 -6.24
C SER A 724 1.02 21.86 -5.56
N GLY A 725 1.11 20.79 -4.77
CA GLY A 725 2.38 20.44 -4.11
C GLY A 725 2.34 18.94 -3.86
N ALA A 726 3.17 18.46 -2.93
CA ALA A 726 3.24 17.02 -2.68
C ALA A 726 1.89 16.39 -2.29
N TYR A 727 1.06 17.16 -1.57
CA TYR A 727 -0.23 16.64 -1.10
C TYR A 727 -1.35 16.94 -2.07
N LEU A 728 -1.41 18.20 -2.51
CA LEU A 728 -2.60 18.71 -3.24
C LEU A 728 -2.44 18.67 -4.74
N PHE A 729 -3.51 18.28 -5.43
CA PHE A 729 -3.59 18.37 -6.87
C PHE A 729 -4.59 19.49 -7.19
N LEU A 730 -4.06 20.60 -7.75
CA LEU A 730 -4.87 21.79 -8.01
C LEU A 730 -4.63 22.20 -9.47
N PRO A 731 -5.16 21.42 -10.41
CA PRO A 731 -4.79 21.66 -11.81
C PRO A 731 -5.35 22.97 -12.32
N ASN A 732 -4.67 23.53 -13.30
CA ASN A 732 -5.14 24.76 -13.96
C ASN A 732 -5.98 24.37 -15.17
N GLY A 733 -7.01 23.56 -14.93
CA GLY A 733 -7.91 23.11 -15.98
C GLY A 733 -7.59 21.69 -16.44
N PRO A 734 -8.41 21.15 -17.34
CA PRO A 734 -8.15 19.86 -17.95
C PRO A 734 -6.79 19.78 -18.61
N ALA A 735 -6.26 18.55 -18.68
CA ALA A 735 -4.94 18.33 -19.24
C ALA A 735 -4.88 18.70 -20.73
N SER A 736 -3.70 19.09 -21.17
CA SER A 736 -3.41 19.43 -22.57
C SER A 736 -2.50 18.37 -23.18
N PRO A 737 -2.72 18.01 -24.45
CA PRO A 737 -1.88 16.95 -25.03
C PRO A 737 -0.39 17.29 -25.02
N VAL A 738 0.46 16.30 -24.72
CA VAL A 738 1.91 16.47 -24.88
C VAL A 738 2.19 16.58 -26.38
N GLU A 739 2.97 17.58 -26.80
CA GLU A 739 3.38 17.69 -28.20
C GLU A 739 4.43 16.64 -28.48
N LEU A 740 4.11 15.71 -29.37
CA LEU A 740 4.95 14.53 -29.59
C LEU A 740 6.05 14.69 -30.61
N GLY A 741 5.94 15.68 -31.49
CA GLY A 741 6.85 15.81 -32.63
C GLY A 741 6.73 14.61 -33.55
N GLN A 742 7.86 14.11 -34.04
CA GLN A 742 7.87 12.91 -34.86
C GLN A 742 8.74 11.87 -34.15
N PRO A 743 8.15 11.16 -33.18
CA PRO A 743 9.01 10.32 -32.34
C PRO A 743 9.53 9.08 -33.06
N VAL A 744 10.65 8.57 -32.57
CA VAL A 744 11.25 7.35 -33.10
C VAL A 744 10.55 6.14 -32.50
N VAL A 745 10.15 5.21 -33.36
CA VAL A 745 9.42 4.02 -32.97
C VAL A 745 10.22 2.77 -33.30
N LEU A 746 10.36 1.87 -32.33
CA LEU A 746 11.05 0.62 -32.53
C LEU A 746 10.12 -0.57 -32.39
N VAL A 747 10.06 -1.40 -33.41
CA VAL A 747 9.19 -2.56 -33.43
C VAL A 747 10.07 -3.80 -33.40
N THR A 748 9.89 -4.64 -32.38
CA THR A 748 10.59 -5.90 -32.31
C THR A 748 9.54 -6.99 -32.43
N LYS A 749 9.74 -7.91 -33.37
CA LYS A 749 8.72 -8.91 -33.64
C LYS A 749 9.35 -10.27 -33.47
N GLY A 750 8.80 -11.05 -32.55
CA GLY A 750 9.33 -12.36 -32.29
C GLY A 750 8.23 -13.37 -32.13
N LYS A 751 8.63 -14.64 -32.14
CA LYS A 751 7.67 -15.72 -32.00
C LYS A 751 7.03 -15.76 -30.60
N LEU A 752 7.83 -15.43 -29.60
CA LEU A 752 7.39 -15.50 -28.19
C LEU A 752 7.01 -14.15 -27.64
N GLU A 753 7.68 -13.09 -28.08
CA GLU A 753 7.43 -11.76 -27.55
C GLU A 753 7.71 -10.73 -28.63
N SER A 754 6.78 -9.80 -28.76
CA SER A 754 6.92 -8.65 -29.63
C SER A 754 6.66 -7.36 -28.87
N SER A 755 7.14 -6.23 -29.39
CA SER A 755 6.91 -4.98 -28.74
C SER A 755 6.99 -3.81 -29.68
N VAL A 756 6.34 -2.75 -29.26
CA VAL A 756 6.46 -1.46 -29.89
C VAL A 756 6.90 -0.48 -28.81
N SER A 757 8.02 0.21 -29.05
CA SER A 757 8.57 1.17 -28.10
C SER A 757 8.72 2.52 -28.79
N VAL A 758 8.41 3.60 -28.09
CA VAL A 758 8.53 4.93 -28.66
C VAL A 758 9.10 5.91 -27.66
N GLY A 759 10.00 6.77 -28.14
CA GLY A 759 10.66 7.74 -27.29
C GLY A 759 9.89 9.05 -27.35
N LEU A 760 8.97 9.21 -26.43
CA LEU A 760 8.20 10.44 -26.33
C LEU A 760 8.86 11.44 -25.39
N PRO A 761 8.47 12.71 -25.47
CA PRO A 761 8.99 13.64 -24.48
C PRO A 761 8.60 13.16 -23.09
N SER A 762 9.61 12.94 -22.26
CA SER A 762 9.49 12.53 -20.87
C SER A 762 9.14 11.07 -20.65
N VAL A 763 8.85 10.31 -21.70
CA VAL A 763 8.39 8.93 -21.52
C VAL A 763 8.87 8.03 -22.63
N VAL A 764 9.60 6.98 -22.29
CA VAL A 764 9.78 5.92 -23.28
C VAL A 764 8.66 4.92 -23.00
N HIS A 765 7.73 4.82 -23.96
CA HIS A 765 6.48 4.07 -23.80
C HIS A 765 6.60 2.78 -24.59
N GLN A 766 6.32 1.65 -23.96
CA GLN A 766 6.48 0.34 -24.56
CA GLN A 766 6.48 0.35 -24.57
C GLN A 766 5.23 -0.49 -24.37
N THR A 767 4.80 -1.10 -25.45
CA THR A 767 3.71 -2.08 -25.43
C THR A 767 4.32 -3.42 -25.80
N ILE A 768 4.19 -4.40 -24.90
CA ILE A 768 4.78 -5.70 -25.03
C ILE A 768 3.68 -6.76 -25.12
N MET A 769 3.87 -7.66 -26.05
CA MET A 769 2.89 -8.70 -26.34
C MET A 769 3.53 -10.06 -26.21
N ARG A 770 2.90 -10.89 -25.40
CA ARG A 770 3.41 -12.24 -25.22
CA ARG A 770 3.38 -12.25 -25.20
C ARG A 770 2.34 -13.30 -25.51
N GLY A 771 1.23 -12.86 -26.13
CA GLY A 771 0.18 -13.79 -26.53
C GLY A 771 -1.12 -13.63 -25.78
N GLY A 772 -1.10 -12.85 -24.71
CA GLY A 772 -2.31 -12.53 -23.91
C GLY A 772 -2.47 -11.02 -23.78
N ALA A 773 -2.97 -10.56 -22.64
CA ALA A 773 -3.12 -9.11 -22.42
C ALA A 773 -1.77 -8.42 -22.57
N PRO A 774 -1.73 -7.29 -23.28
CA PRO A 774 -0.42 -6.62 -23.34
C PRO A 774 0.07 -6.10 -22.01
N GLU A 775 1.37 -5.89 -21.96
CA GLU A 775 2.06 -5.24 -20.87
C GLU A 775 2.51 -3.88 -21.36
N ILE A 776 2.29 -2.87 -20.56
CA ILE A 776 2.77 -1.53 -20.86
C ILE A 776 3.87 -1.19 -19.89
N ARG A 777 4.97 -0.62 -20.40
CA ARG A 777 6.02 -0.09 -19.53
C ARG A 777 6.28 1.34 -19.94
N ASN A 778 6.33 2.24 -18.97
CA ASN A 778 6.69 3.61 -19.20
C ASN A 778 7.92 3.96 -18.42
N LEU A 779 9.00 4.32 -19.12
CA LEU A 779 10.17 4.85 -18.43
C LEU A 779 9.96 6.37 -18.38
N VAL A 780 9.57 6.86 -17.20
CA VAL A 780 9.11 8.25 -17.04
C VAL A 780 10.24 9.09 -16.46
N ASP A 781 10.67 10.09 -17.23
CA ASP A 781 11.71 11.02 -16.78
C ASP A 781 11.24 12.42 -17.07
N ILE A 782 10.59 13.02 -16.09
CA ILE A 782 9.97 14.33 -16.22
C ILE A 782 11.04 15.41 -16.33
N GLY A 783 12.28 15.04 -16.06
CA GLY A 783 13.41 15.93 -16.38
C GLY A 783 13.25 17.22 -15.60
N SER A 784 13.38 18.34 -16.29
CA SER A 784 13.26 19.63 -15.61
C SER A 784 11.96 20.36 -15.93
N LEU A 785 10.93 19.63 -16.34
CA LEU A 785 9.65 20.25 -16.62
C LEU A 785 8.94 20.70 -15.35
N ASP A 786 9.17 21.94 -14.91
CA ASP A 786 8.59 22.39 -13.64
C ASP A 786 7.08 22.58 -13.80
N ASN A 787 6.41 22.40 -12.67
CA ASN A 787 4.96 22.61 -12.61
C ASN A 787 4.19 21.85 -13.67
N THR A 788 4.51 20.55 -13.76
CA THR A 788 3.91 19.70 -14.75
C THR A 788 3.57 18.36 -14.11
N GLU A 789 2.38 17.85 -14.44
CA GLU A 789 2.02 16.46 -14.09
C GLU A 789 1.72 15.74 -15.39
N ILE A 790 2.40 14.63 -15.63
CA ILE A 790 2.21 13.87 -16.85
C ILE A 790 1.21 12.74 -16.60
N VAL A 791 0.18 12.68 -17.44
CA VAL A 791 -0.88 11.68 -17.31
C VAL A 791 -0.90 10.81 -18.53
N MET A 792 -1.19 9.54 -18.29
CA MET A 792 -1.44 8.61 -19.37
C MET A 792 -2.93 8.33 -19.42
N ARG A 793 -3.55 8.61 -20.56
CA ARG A 793 -4.97 8.41 -20.74
C ARG A 793 -5.25 7.35 -21.78
N LEU A 794 -6.28 6.55 -21.54
CA LEU A 794 -6.87 5.63 -22.49
C LEU A 794 -8.24 6.15 -22.93
N GLU A 795 -8.44 6.23 -24.24
CA GLU A 795 -9.74 6.70 -24.79
C GLU A 795 -10.39 5.52 -25.50
N THR A 796 -11.64 5.24 -25.15
CA THR A 796 -12.38 4.13 -25.73
C THR A 796 -13.80 4.56 -26.08
N HIS A 797 -14.54 3.62 -26.67
CA HIS A 797 -15.97 3.78 -26.96
C HIS A 797 -16.88 3.21 -25.94
N ILE A 798 -16.31 2.70 -24.86
CA ILE A 798 -17.11 2.04 -23.83
C ILE A 798 -18.05 3.07 -23.19
N ASP A 799 -19.33 2.68 -23.13
CA ASP A 799 -20.36 3.58 -22.65
C ASP A 799 -20.46 3.49 -21.13
N SER A 800 -19.41 3.95 -20.47
CA SER A 800 -19.31 3.83 -19.02
C SER A 800 -20.01 4.98 -18.32
N GLY A 801 -20.31 6.08 -19.02
CA GLY A 801 -21.05 7.17 -18.40
C GLY A 801 -20.19 7.86 -17.38
N ASP A 802 -20.67 7.88 -16.13
CA ASP A 802 -19.92 8.51 -15.05
C ASP A 802 -19.39 7.49 -14.07
N ILE A 803 -19.41 6.20 -14.43
CA ILE A 803 -18.99 5.13 -13.51
C ILE A 803 -17.61 4.61 -13.87
N PHE A 804 -16.81 4.33 -12.82
CA PHE A 804 -15.56 3.60 -13.00
C PHE A 804 -15.26 2.90 -11.70
N TYR A 805 -14.27 2.02 -11.71
CA TYR A 805 -13.96 1.22 -10.53
C TYR A 805 -12.48 1.36 -10.27
N THR A 806 -12.12 1.50 -8.99
CA THR A 806 -10.70 1.54 -8.60
C THR A 806 -10.52 0.61 -7.42
N ASP A 807 -9.31 0.14 -7.20
CA ASP A 807 -9.10 -0.75 -6.07
C ASP A 807 -8.74 0.00 -4.79
N LEU A 808 -8.95 -0.70 -3.68
CA LEU A 808 -8.54 -0.22 -2.38
C LEU A 808 -7.51 -1.20 -1.85
N ASN A 809 -6.26 -0.70 -1.78
CA ASN A 809 -5.14 -1.46 -1.17
C ASN A 809 -4.91 -2.81 -1.81
N GLY A 810 -5.26 -2.95 -3.09
CA GLY A 810 -5.03 -4.25 -3.74
C GLY A 810 -5.94 -5.36 -3.24
N LEU A 811 -6.99 -4.99 -2.48
CA LEU A 811 -7.84 -5.96 -1.82
C LEU A 811 -9.23 -6.08 -2.45
N GLN A 812 -9.79 -4.97 -2.90
CA GLN A 812 -11.18 -4.95 -3.35
C GLN A 812 -11.32 -3.83 -4.36
N PHE A 813 -12.34 -3.94 -5.21
CA PHE A 813 -12.65 -2.88 -6.17
C PHE A 813 -13.94 -2.18 -5.76
N ILE A 814 -13.89 -0.86 -5.75
CA ILE A 814 -15.03 -0.07 -5.29
C ILE A 814 -15.55 0.77 -6.47
N LYS A 815 -16.88 0.83 -6.59
CA LYS A 815 -17.49 1.68 -7.60
C LYS A 815 -17.29 3.14 -7.26
N ARG A 816 -16.87 3.89 -8.28
CA ARG A 816 -16.73 5.33 -8.22
C ARG A 816 -17.73 5.95 -9.18
N ARG A 817 -18.20 7.15 -8.81
CA ARG A 817 -19.02 7.93 -9.74
C ARG A 817 -18.38 9.29 -9.88
N ARG A 818 -18.05 9.66 -11.11
CA ARG A 818 -17.53 10.97 -11.39
CA ARG A 818 -17.53 10.97 -11.39
C ARG A 818 -18.64 11.98 -11.09
N LEU A 819 -18.31 13.05 -10.37
CA LEU A 819 -19.30 14.05 -9.97
C LEU A 819 -18.88 15.38 -10.52
N ASP A 820 -19.66 15.89 -11.48
CA ASP A 820 -19.32 17.14 -12.07
C ASP A 820 -19.56 18.31 -11.10
N LYS A 821 -20.31 18.08 -10.02
CA LYS A 821 -20.45 19.10 -8.98
C LYS A 821 -19.18 19.29 -8.15
N LEU A 822 -18.21 18.37 -8.29
CA LEU A 822 -16.93 18.52 -7.60
C LEU A 822 -15.86 18.86 -8.64
N PRO A 823 -14.78 19.53 -8.19
CA PRO A 823 -13.69 19.86 -9.13
C PRO A 823 -12.93 18.63 -9.60
N LEU A 824 -12.21 18.80 -10.71
CA LEU A 824 -11.50 17.71 -11.34
C LEU A 824 -10.68 16.88 -10.31
N GLN A 825 -9.93 17.55 -9.46
CA GLN A 825 -9.04 16.88 -8.50
C GLN A 825 -9.80 16.02 -7.51
N ALA A 826 -11.07 16.34 -7.27
CA ALA A 826 -11.88 15.51 -6.34
C ALA A 826 -12.27 14.19 -6.97
N ASN A 827 -12.23 14.12 -8.30
CA ASN A 827 -12.61 12.92 -9.04
C ASN A 827 -11.43 11.98 -9.29
N TYR A 828 -10.27 12.38 -8.77
CA TYR A 828 -9.09 11.53 -8.73
C TYR A 828 -9.12 10.65 -7.47
N TYR A 829 -8.77 9.37 -7.66
CA TYR A 829 -8.75 8.36 -6.60
C TYR A 829 -7.44 7.60 -6.62
N PRO A 830 -7.11 6.94 -5.50
CA PRO A 830 -5.90 6.12 -5.53
C PRO A 830 -6.13 4.94 -6.49
N ILE A 831 -5.09 4.60 -7.24
CA ILE A 831 -5.09 3.39 -8.06
C ILE A 831 -3.97 2.49 -7.54
N PRO A 832 -4.21 1.82 -6.42
CA PRO A 832 -3.12 1.06 -5.83
C PRO A 832 -2.76 -0.20 -6.59
N SER A 833 -3.67 -0.73 -7.40
CA SER A 833 -3.37 -1.92 -8.19
C SER A 833 -4.19 -2.06 -9.47
N GLY A 834 -5.27 -1.31 -9.59
CA GLY A 834 -6.01 -1.38 -10.85
C GLY A 834 -7.24 -0.52 -10.91
N MET A 835 -7.76 -0.39 -12.12
CA MET A 835 -8.98 0.38 -12.35
C MET A 835 -9.65 -0.18 -13.59
N PHE A 836 -10.96 -0.01 -13.69
CA PHE A 836 -11.64 -0.44 -14.90
C PHE A 836 -12.87 0.39 -15.18
N ILE A 837 -13.25 0.39 -16.47
CA ILE A 837 -14.55 0.92 -16.91
C ILE A 837 -15.26 -0.16 -17.68
N GLU A 838 -16.59 -0.10 -17.67
CA GLU A 838 -17.34 -1.11 -18.42
C GLU A 838 -18.70 -0.57 -18.84
N ASP A 839 -19.27 -1.23 -19.84
CA ASP A 839 -20.69 -1.05 -20.18
C ASP A 839 -21.33 -2.41 -20.20
N ALA A 840 -22.49 -2.53 -20.84
CA ALA A 840 -23.15 -3.82 -20.86
C ALA A 840 -22.32 -4.94 -21.46
N ASN A 841 -21.49 -4.59 -22.45
CA ASN A 841 -20.80 -5.61 -23.24
C ASN A 841 -19.28 -5.67 -23.09
N THR A 842 -18.64 -4.56 -22.72
CA THR A 842 -17.21 -4.44 -22.83
C THR A 842 -16.64 -3.85 -21.54
N ARG A 843 -15.46 -4.38 -21.15
CA ARG A 843 -14.73 -3.83 -20.00
C ARG A 843 -13.29 -3.60 -20.45
N LEU A 844 -12.72 -2.50 -19.96
CA LEU A 844 -11.27 -2.26 -20.09
C LEU A 844 -10.73 -2.13 -18.66
N THR A 845 -9.77 -3.00 -18.33
CA THR A 845 -9.12 -2.98 -17.01
C THR A 845 -7.62 -2.66 -17.21
N LEU A 846 -7.12 -1.70 -16.43
CA LEU A 846 -5.70 -1.37 -16.41
C LEU A 846 -5.20 -1.78 -15.03
N LEU A 847 -4.30 -2.76 -15.00
CA LEU A 847 -3.65 -3.17 -13.76
C LEU A 847 -2.31 -2.48 -13.64
N THR A 848 -1.95 -2.16 -12.40
CA THR A 848 -0.69 -1.42 -12.15
CA THR A 848 -0.72 -1.41 -12.16
C THR A 848 0.29 -2.16 -11.24
N GLY A 849 1.56 -1.92 -11.50
CA GLY A 849 2.60 -2.44 -10.64
C GLY A 849 3.09 -1.44 -9.63
N GLN A 850 2.35 -0.35 -9.47
CA GLN A 850 2.71 0.70 -8.53
C GLN A 850 1.48 1.54 -8.27
N PRO A 851 1.32 2.04 -7.05
CA PRO A 851 0.16 2.91 -6.79
C PRO A 851 0.36 4.28 -7.40
N LEU A 852 -0.67 4.76 -8.11
CA LEU A 852 -0.66 6.07 -8.74
C LEU A 852 -2.06 6.65 -8.67
N GLY A 853 -2.22 7.93 -8.94
CA GLY A 853 -3.57 8.52 -8.91
C GLY A 853 -4.23 8.42 -10.26
N GLY A 854 -5.56 8.34 -10.29
CA GLY A 854 -6.21 8.26 -11.58
C GLY A 854 -7.68 8.49 -11.50
N SER A 855 -8.33 8.43 -12.68
CA SER A 855 -9.74 8.79 -12.74
C SER A 855 -10.31 8.32 -14.07
N SER A 856 -11.60 8.56 -14.23
CA SER A 856 -12.27 8.49 -15.54
C SER A 856 -13.01 9.81 -15.64
N LEU A 857 -12.47 10.78 -16.40
CA LEU A 857 -13.03 12.14 -16.42
C LEU A 857 -14.10 12.34 -17.50
N ALA A 858 -14.27 11.31 -18.32
CA ALA A 858 -15.33 11.30 -19.34
C ALA A 858 -15.64 9.86 -19.66
N SER A 859 -16.87 9.62 -20.15
CA SER A 859 -17.31 8.29 -20.51
C SER A 859 -16.29 7.67 -21.45
N GLY A 860 -15.98 6.40 -21.24
CA GLY A 860 -15.03 5.68 -22.09
C GLY A 860 -13.54 5.94 -21.81
N GLU A 861 -13.23 6.82 -20.86
CA GLU A 861 -11.83 7.13 -20.56
C GLU A 861 -11.33 6.54 -19.25
N LEU A 862 -10.04 6.23 -19.23
CA LEU A 862 -9.30 5.93 -17.98
C LEU A 862 -8.07 6.80 -18.04
N GLU A 863 -7.60 7.30 -16.89
CA GLU A 863 -6.32 7.99 -16.89
C GLU A 863 -5.60 7.75 -15.60
N ILE A 864 -4.29 7.76 -15.69
CA ILE A 864 -3.46 7.50 -14.52
C ILE A 864 -2.22 8.38 -14.57
N MET A 865 -1.96 9.08 -13.48
CA MET A 865 -0.86 10.00 -13.45
C MET A 865 0.49 9.25 -13.35
N GLN A 866 1.49 9.74 -14.08
CA GLN A 866 2.79 9.10 -14.16
C GLN A 866 3.85 9.70 -13.24
N ASP A 867 3.93 11.02 -13.21
CA ASP A 867 4.83 11.74 -12.31
C ASP A 867 4.37 13.17 -12.26
N ARG A 868 4.87 13.89 -11.27
CA ARG A 868 4.50 15.26 -11.09
C ARG A 868 5.72 15.98 -10.52
N ARG A 869 6.00 17.17 -11.05
CA ARG A 869 7.13 17.99 -10.64
C ARG A 869 6.58 19.37 -10.36
N LEU A 870 6.71 19.78 -9.10
CA LEU A 870 6.00 20.94 -8.57
C LEU A 870 6.97 21.86 -7.88
N ALA A 871 6.98 23.12 -8.32
CA ALA A 871 7.93 24.03 -7.76
C ALA A 871 7.51 24.59 -6.39
N SER A 872 6.22 24.57 -6.11
CA SER A 872 5.73 25.23 -4.92
C SER A 872 5.41 24.29 -3.78
N ASP A 873 5.57 24.80 -2.57
CA ASP A 873 4.99 24.18 -1.36
C ASP A 873 3.47 24.38 -1.35
N ASP A 874 2.75 23.40 -0.81
CA ASP A 874 1.28 23.47 -0.78
C ASP A 874 0.70 23.72 0.61
N GLU A 875 1.48 24.38 1.46
CA GLU A 875 0.95 24.98 2.68
C GLU A 875 0.46 23.96 3.68
N ARG A 876 1.03 22.75 3.64
CA ARG A 876 0.71 21.73 4.65
C ARG A 876 1.91 21.40 5.55
N GLY A 877 2.96 22.22 5.51
CA GLY A 877 4.07 22.07 6.45
C GLY A 877 5.30 21.38 5.92
N LEU A 878 5.24 20.88 4.69
CA LEU A 878 6.38 20.16 4.13
C LEU A 878 7.53 21.13 3.82
N GLY A 879 7.18 22.34 3.38
CA GLY A 879 8.19 23.38 3.20
C GLY A 879 9.09 23.18 1.99
N GLN A 880 8.60 22.44 1.01
CA GLN A 880 9.29 22.33 -0.27
C GLN A 880 8.30 21.86 -1.30
N GLY A 881 8.64 22.07 -2.57
CA GLY A 881 7.93 21.47 -3.67
C GLY A 881 8.41 20.04 -3.90
N VAL A 882 8.08 19.50 -5.06
CA VAL A 882 8.53 18.17 -5.44
C VAL A 882 9.43 18.36 -6.67
N LEU A 883 10.74 18.39 -6.42
CA LEU A 883 11.71 18.71 -7.45
C LEU A 883 12.81 17.70 -7.50
N ASP A 884 12.58 16.55 -6.88
CA ASP A 884 13.59 15.49 -6.75
C ASP A 884 13.21 14.27 -7.59
N ASN A 885 12.46 14.48 -8.66
CA ASN A 885 12.10 13.39 -9.54
C ASN A 885 13.28 12.64 -10.07
N LYS A 886 13.08 11.35 -10.29
CA LYS A 886 14.09 10.53 -10.95
C LYS A 886 13.38 9.55 -11.86
N PRO A 887 14.08 9.07 -12.88
CA PRO A 887 13.49 8.13 -13.80
C PRO A 887 12.91 6.92 -13.08
N VAL A 888 11.70 6.55 -13.49
CA VAL A 888 11.03 5.41 -12.90
C VAL A 888 10.40 4.59 -14.03
N LEU A 889 10.48 3.28 -13.89
CA LEU A 889 9.82 2.38 -14.84
C LEU A 889 8.48 1.89 -14.26
N HIS A 890 7.40 2.47 -14.77
CA HIS A 890 6.06 2.05 -14.38
C HIS A 890 5.63 0.86 -15.24
N ILE A 891 4.94 -0.09 -14.62
CA ILE A 891 4.50 -1.27 -15.36
C ILE A 891 2.98 -1.46 -15.22
N TYR A 892 2.37 -1.98 -16.28
CA TYR A 892 0.92 -2.15 -16.34
C TYR A 892 0.56 -3.37 -17.16
N ARG A 893 -0.67 -3.85 -16.97
CA ARG A 893 -1.28 -4.78 -17.94
C ARG A 893 -2.60 -4.19 -18.38
N LEU A 894 -2.94 -4.41 -19.64
CA LEU A 894 -4.16 -3.82 -20.21
C LEU A 894 -5.03 -4.96 -20.71
N VAL A 895 -6.22 -5.11 -20.10
CA VAL A 895 -7.11 -6.21 -20.40
C VAL A 895 -8.44 -5.72 -20.96
N LEU A 896 -8.65 -5.91 -22.24
CA LEU A 896 -9.92 -5.63 -22.90
C LEU A 896 -10.71 -6.93 -22.95
N GLU A 897 -11.97 -6.91 -22.49
CA GLU A 897 -12.75 -8.15 -22.40
C GLU A 897 -14.20 -7.91 -22.73
N LYS A 898 -14.85 -8.95 -23.23
CA LYS A 898 -16.29 -8.96 -23.35
C LYS A 898 -16.87 -9.43 -22.02
N VAL A 899 -17.85 -8.69 -21.51
CA VAL A 899 -18.41 -9.03 -20.21
C VAL A 899 -19.92 -9.22 -20.23
N ASN A 900 -20.51 -9.25 -21.42
CA ASN A 900 -21.97 -9.40 -21.46
C ASN A 900 -22.46 -10.72 -20.87
N ASN A 901 -21.61 -11.74 -20.85
CA ASN A 901 -21.99 -13.04 -20.25
C ASN A 901 -21.64 -13.21 -18.79
N CYS A 902 -21.00 -12.21 -18.20
CA CYS A 902 -20.57 -12.32 -16.82
C CYS A 902 -21.71 -12.06 -15.86
N VAL A 903 -21.72 -12.79 -14.75
CA VAL A 903 -22.67 -12.52 -13.69
C VAL A 903 -22.12 -11.36 -12.84
N ARG A 904 -22.69 -10.20 -13.02
CA ARG A 904 -22.17 -9.01 -12.35
C ARG A 904 -23.10 -8.58 -11.24
N PRO A 905 -22.58 -7.78 -10.31
CA PRO A 905 -23.49 -7.24 -9.28
C PRO A 905 -24.55 -6.36 -9.90
N SER A 906 -25.66 -6.20 -9.20
CA SER A 906 -26.70 -5.31 -9.66
C SER A 906 -26.23 -3.86 -9.71
N LYS A 907 -26.99 -3.01 -10.37
CA LYS A 907 -26.62 -1.62 -10.52
C LYS A 907 -26.48 -0.88 -9.19
N LEU A 908 -27.14 -1.38 -8.14
CA LEU A 908 -27.08 -0.72 -6.83
C LEU A 908 -25.93 -1.18 -5.95
N HIS A 909 -25.22 -2.24 -6.37
CA HIS A 909 -24.13 -2.79 -5.56
C HIS A 909 -22.91 -1.87 -5.61
N PRO A 910 -22.32 -1.56 -4.46
CA PRO A 910 -21.16 -0.65 -4.47
C PRO A 910 -19.80 -1.24 -4.86
N ALA A 911 -19.74 -2.54 -5.13
CA ALA A 911 -18.45 -3.21 -5.44
C ALA A 911 -18.39 -3.62 -6.89
N GLY A 912 -17.18 -3.83 -7.38
CA GLY A 912 -17.00 -4.55 -8.63
C GLY A 912 -15.96 -5.63 -8.42
N TYR A 913 -15.81 -6.53 -9.39
CA TYR A 913 -14.92 -7.70 -9.30
C TYR A 913 -14.22 -7.93 -10.60
N LEU A 914 -12.98 -8.36 -10.49
CA LEU A 914 -12.16 -8.67 -11.65
C LEU A 914 -12.61 -9.96 -12.30
N THR A 915 -12.29 -10.09 -13.59
CA THR A 915 -12.32 -11.39 -14.24
C THR A 915 -11.02 -12.15 -13.91
N SER A 916 -11.03 -13.43 -14.20
CA SER A 916 -9.86 -14.28 -14.07
C SER A 916 -8.65 -13.70 -14.78
N ALA A 917 -8.81 -13.25 -16.03
CA ALA A 917 -7.64 -12.77 -16.76
C ALA A 917 -7.08 -11.52 -16.14
N ALA A 918 -7.95 -10.63 -15.64
CA ALA A 918 -7.43 -9.40 -15.04
C ALA A 918 -6.74 -9.68 -13.72
N HIS A 919 -7.29 -10.60 -12.93
CA HIS A 919 -6.65 -10.97 -11.69
C HIS A 919 -5.28 -11.60 -11.94
N LYS A 920 -5.21 -12.53 -12.89
CA LYS A 920 -3.92 -13.11 -13.24
C LYS A 920 -2.93 -12.06 -13.73
N ALA A 921 -3.43 -11.10 -14.50
CA ALA A 921 -2.55 -10.03 -14.98
C ALA A 921 -2.01 -9.20 -13.82
N SER A 922 -2.84 -8.94 -12.83
CA SER A 922 -2.38 -8.23 -11.62
C SER A 922 -1.32 -9.05 -10.89
N GLN A 923 -1.54 -10.36 -10.76
CA GLN A 923 -0.54 -11.24 -10.12
C GLN A 923 0.77 -11.22 -10.90
N SER A 924 0.70 -11.11 -12.22
CA SER A 924 1.90 -11.09 -13.06
CA SER A 924 1.93 -11.12 -13.01
C SER A 924 2.73 -9.84 -12.76
N LEU A 925 2.06 -8.75 -12.41
CA LEU A 925 2.77 -7.50 -12.09
C LEU A 925 3.30 -7.50 -10.66
N LEU A 926 2.50 -7.98 -9.70
CA LEU A 926 2.90 -7.84 -8.31
C LEU A 926 3.75 -8.99 -7.79
N ASP A 927 3.50 -10.20 -8.30
CA ASP A 927 4.23 -11.38 -7.83
C ASP A 927 4.75 -12.20 -8.99
N PRO A 928 5.67 -11.63 -9.76
CA PRO A 928 6.24 -12.34 -10.91
C PRO A 928 7.12 -13.50 -10.43
N LEU A 929 7.50 -14.37 -11.35
CA LEU A 929 8.55 -15.33 -11.04
C LEU A 929 9.83 -14.63 -10.64
N ASP A 930 10.52 -15.16 -9.64
CA ASP A 930 11.85 -14.66 -9.30
C ASP A 930 12.89 -15.45 -10.10
N LYS A 931 13.95 -14.78 -10.51
CA LYS A 931 14.98 -15.40 -11.36
C LYS A 931 16.32 -15.32 -10.65
N PHE A 932 17.00 -16.46 -10.59
CA PHE A 932 18.30 -16.59 -9.94
C PHE A 932 19.32 -17.12 -10.91
N ILE A 933 20.50 -16.54 -10.90
CA ILE A 933 21.60 -16.98 -11.80
C ILE A 933 22.69 -17.58 -10.91
N PHE A 934 23.04 -18.84 -11.14
CA PHE A 934 24.07 -19.46 -10.31
C PHE A 934 25.39 -18.69 -10.49
N ALA A 935 26.06 -18.35 -9.40
CA ALA A 935 27.21 -17.44 -9.47
C ALA A 935 28.50 -18.12 -9.94
N GLU A 936 28.76 -19.31 -9.40
N GLU A 936 28.74 -19.33 -9.47
CA GLU A 936 29.99 -20.09 -9.63
CA GLU A 936 30.01 -19.95 -9.77
C GLU A 936 29.95 -20.72 -11.03
C GLU A 936 29.90 -20.87 -10.98
N ASN A 937 31.04 -21.39 -11.41
CA ASN A 937 31.08 -22.08 -12.68
C ASN A 937 30.31 -23.40 -12.71
N GLU A 938 30.32 -24.11 -11.59
CA GLU A 938 29.67 -25.41 -11.54
C GLU A 938 28.90 -25.57 -10.25
N TRP A 939 27.66 -26.03 -10.39
CA TRP A 939 26.80 -26.30 -9.24
C TRP A 939 26.75 -27.80 -8.99
N ILE A 940 27.57 -28.26 -8.05
CA ILE A 940 27.65 -29.68 -7.72
C ILE A 940 26.43 -30.09 -6.88
N GLY A 941 25.75 -31.15 -7.29
CA GLY A 941 24.60 -31.62 -6.52
C GLY A 941 23.29 -30.93 -6.87
N ALA A 942 23.29 -30.18 -7.98
CA ALA A 942 22.11 -29.43 -8.43
C ALA A 942 20.94 -30.35 -8.71
N GLN A 943 19.76 -29.91 -8.27
CA GLN A 943 18.50 -30.57 -8.54
C GLN A 943 17.59 -29.74 -9.45
N GLY A 944 16.64 -30.41 -10.10
CA GLY A 944 15.87 -29.80 -11.17
C GLY A 944 14.61 -29.07 -10.76
N GLN A 945 14.09 -29.40 -9.58
CA GLN A 945 12.78 -28.88 -9.21
C GLN A 945 12.60 -29.00 -7.71
N PHE A 946 11.79 -28.09 -7.17
CA PHE A 946 11.31 -28.21 -5.79
C PHE A 946 9.83 -27.85 -5.82
N GLY A 947 9.02 -28.62 -5.08
CA GLY A 947 7.63 -28.30 -4.93
C GLY A 947 6.72 -28.95 -5.95
N GLY A 948 7.23 -29.90 -6.74
CA GLY A 948 6.39 -30.56 -7.74
C GLY A 948 5.18 -31.26 -7.13
N ASP A 949 5.28 -31.63 -5.85
CA ASP A 949 4.18 -32.26 -5.11
C ASP A 949 3.27 -31.28 -4.35
N HIS A 950 3.56 -29.98 -4.43
CA HIS A 950 2.72 -28.98 -3.77
C HIS A 950 1.35 -28.88 -4.48
N PRO A 951 0.25 -28.79 -3.71
CA PRO A 951 -1.07 -28.67 -4.37
C PRO A 951 -1.17 -27.41 -5.20
N SER A 952 -1.82 -27.52 -6.35
CA SER A 952 -2.05 -26.37 -7.21
C SER A 952 -3.47 -25.87 -6.97
N ALA A 953 -3.57 -24.82 -6.16
CA ALA A 953 -4.84 -24.33 -5.65
C ALA A 953 -5.64 -23.58 -6.70
N ARG A 954 -6.94 -23.51 -6.45
CA ARG A 954 -7.84 -22.73 -7.28
CA ARG A 954 -7.86 -22.71 -7.27
C ARG A 954 -7.32 -21.30 -7.50
N GLU A 955 -7.57 -20.76 -8.68
CA GLU A 955 -6.95 -19.51 -9.12
C GLU A 955 -7.26 -18.29 -8.25
N ASP A 956 -8.38 -18.34 -7.56
CA ASP A 956 -8.75 -17.20 -6.72
C ASP A 956 -8.13 -17.23 -5.33
N LEU A 957 -7.41 -18.30 -5.00
CA LEU A 957 -6.81 -18.42 -3.68
C LEU A 957 -5.32 -18.08 -3.72
N ASP A 958 -4.84 -17.32 -2.74
CA ASP A 958 -3.42 -17.05 -2.60
C ASP A 958 -2.95 -17.36 -1.20
N VAL A 959 -1.68 -17.77 -1.12
CA VAL A 959 -0.96 -17.87 0.15
C VAL A 959 -0.21 -16.56 0.25
N SER A 960 -0.87 -15.56 0.82
CA SER A 960 -0.33 -14.20 0.86
C SER A 960 0.93 -14.11 1.70
N VAL A 961 0.96 -14.90 2.78
CA VAL A 961 2.12 -14.97 3.68
C VAL A 961 2.39 -16.42 4.02
N MET A 962 3.67 -16.80 3.96
CA MET A 962 4.15 -18.01 4.61
C MET A 962 5.37 -17.60 5.42
N ARG A 963 5.31 -17.82 6.74
CA ARG A 963 6.36 -17.33 7.62
C ARG A 963 6.61 -18.34 8.75
N ARG A 964 7.84 -18.82 8.85
CA ARG A 964 8.19 -19.63 10.01
C ARG A 964 8.25 -18.71 11.23
N LEU A 965 7.56 -19.11 12.30
CA LEU A 965 7.38 -18.26 13.47
C LEU A 965 8.36 -18.56 14.61
N THR A 966 9.08 -19.67 14.47
CA THR A 966 9.98 -20.17 15.52
C THR A 966 11.40 -20.24 15.02
N LYS A 967 12.34 -19.99 15.93
CA LYS A 967 13.77 -20.17 15.66
C LYS A 967 14.11 -21.65 15.84
N SER A 968 15.34 -22.00 15.45
CA SER A 968 15.71 -23.42 15.33
C SER A 968 15.70 -24.17 16.67
N SER A 969 15.88 -23.46 17.78
CA SER A 969 15.94 -24.14 19.10
C SER A 969 14.59 -24.56 19.66
N ALA A 970 13.49 -24.13 19.05
CA ALA A 970 12.16 -24.55 19.49
C ALA A 970 11.89 -26.02 19.15
N LYS A 971 11.55 -26.81 20.15
N LYS A 971 11.58 -26.81 20.17
CA LYS A 971 11.18 -28.21 19.96
CA LYS A 971 11.18 -28.21 19.98
C LYS A 971 9.95 -28.38 19.07
C LYS A 971 10.02 -28.30 19.00
N THR A 972 9.00 -27.46 19.20
CA THR A 972 7.81 -27.44 18.34
C THR A 972 7.95 -26.27 17.35
N GLN A 973 8.19 -26.59 16.09
CA GLN A 973 8.30 -25.55 15.06
C GLN A 973 6.89 -25.10 14.69
N ARG A 974 6.77 -23.80 14.35
CA ARG A 974 5.46 -23.29 13.96
C ARG A 974 5.62 -22.48 12.70
N VAL A 975 4.70 -22.71 11.77
CA VAL A 975 4.72 -21.95 10.52
C VAL A 975 3.35 -21.30 10.34
N GLY A 976 3.38 -20.01 10.03
CA GLY A 976 2.15 -19.27 9.84
C GLY A 976 1.87 -19.01 8.37
N TYR A 977 0.59 -19.06 8.05
CA TYR A 977 0.10 -18.82 6.69
C TYR A 977 -1.05 -17.83 6.74
N VAL A 978 -1.03 -16.86 5.81
CA VAL A 978 -2.22 -16.04 5.60
C VAL A 978 -2.76 -16.44 4.23
N LEU A 979 -4.04 -16.84 4.20
CA LEU A 979 -4.75 -17.26 2.99
CA LEU A 979 -4.68 -17.21 2.96
C LEU A 979 -5.75 -16.20 2.61
N HIS A 980 -5.69 -15.73 1.38
CA HIS A 980 -6.68 -14.77 0.89
C HIS A 980 -7.38 -15.35 -0.34
N ARG A 981 -8.71 -15.31 -0.34
CA ARG A 981 -9.46 -15.70 -1.53
C ARG A 981 -10.13 -14.46 -2.05
N THR A 982 -9.83 -14.12 -3.30
CA THR A 982 -10.51 -13.02 -3.95
C THR A 982 -11.86 -13.52 -4.50
N ASN A 983 -12.58 -12.65 -5.17
CA ASN A 983 -13.81 -13.06 -5.86
C ASN A 983 -13.70 -12.65 -7.31
N LEU A 984 -13.74 -13.66 -8.17
CA LEU A 984 -13.64 -13.43 -9.63
C LEU A 984 -15.02 -13.61 -10.26
N MET A 985 -15.29 -12.81 -11.28
CA MET A 985 -16.58 -12.94 -11.95
C MET A 985 -16.76 -14.27 -12.63
N GLN A 986 -17.99 -14.77 -12.57
CA GLN A 986 -18.38 -15.97 -13.32
C GLN A 986 -18.73 -15.52 -14.72
N CYS A 987 -17.98 -15.98 -15.72
CA CYS A 987 -18.25 -15.57 -17.10
C CYS A 987 -18.42 -16.75 -18.06
N GLY A 988 -18.63 -17.94 -17.50
CA GLY A 988 -18.94 -19.12 -18.30
C GLY A 988 -17.73 -19.88 -18.75
N THR A 989 -16.58 -19.58 -18.14
CA THR A 989 -15.40 -20.40 -18.35
C THR A 989 -15.40 -21.47 -17.28
N PRO A 990 -15.74 -22.72 -17.64
CA PRO A 990 -15.85 -23.74 -16.60
C PRO A 990 -14.61 -23.77 -15.71
N GLU A 991 -14.86 -23.83 -14.40
CA GLU A 991 -13.80 -24.04 -13.42
C GLU A 991 -13.17 -25.39 -13.74
N GLU A 992 -11.85 -25.41 -13.88
CA GLU A 992 -11.18 -26.68 -14.06
C GLU A 992 -10.92 -27.31 -12.68
N HIS A 993 -10.94 -28.64 -12.65
CA HIS A 993 -10.37 -29.45 -11.57
C HIS A 993 -9.13 -28.80 -10.94
N THR A 994 -9.22 -28.42 -9.66
CA THR A 994 -8.01 -28.05 -8.92
C THR A 994 -7.94 -28.76 -7.58
N GLN A 995 -6.74 -28.80 -7.01
CA GLN A 995 -6.53 -29.51 -5.75
C GLN A 995 -6.78 -28.62 -4.54
N LYS A 996 -7.36 -29.22 -3.50
CA LYS A 996 -7.53 -28.56 -2.21
C LYS A 996 -6.17 -28.20 -1.65
N LEU A 997 -6.03 -26.95 -1.20
CA LEU A 997 -4.81 -26.59 -0.53
C LEU A 997 -5.04 -26.64 0.97
N ASP A 998 -4.29 -27.50 1.65
CA ASP A 998 -4.31 -27.53 3.11
C ASP A 998 -2.93 -27.09 3.57
N VAL A 999 -2.82 -25.83 3.98
CA VAL A 999 -1.51 -25.30 4.33
C VAL A 999 -0.87 -26.02 5.51
N CYS A 1000 -1.69 -26.61 6.37
CA CYS A 1000 -1.16 -27.24 7.57
C CYS A 1000 -0.36 -28.51 7.28
N HIS A 1001 -0.56 -29.08 6.09
CA HIS A 1001 0.19 -30.27 5.68
C HIS A 1001 1.31 -29.98 4.65
N LEU A 1002 1.61 -28.70 4.43
CA LEU A 1002 2.73 -28.38 3.53
C LEU A 1002 4.09 -28.79 4.08
N LEU A 1003 4.25 -28.78 5.40
CA LEU A 1003 5.47 -29.25 6.04
C LEU A 1003 5.13 -30.54 6.76
N PRO A 1004 6.09 -31.48 6.79
CA PRO A 1004 5.83 -32.80 7.37
C PRO A 1004 5.70 -32.77 8.89
N ASN A 1005 5.20 -33.87 9.44
CA ASN A 1005 5.13 -34.08 10.89
C ASN A 1005 4.28 -33.04 11.61
N VAL A 1006 3.17 -32.68 10.99
CA VAL A 1006 2.26 -31.74 11.64
C VAL A 1006 1.68 -32.39 12.90
N ALA A 1007 1.67 -31.63 13.99
CA ALA A 1007 1.14 -32.07 15.27
C ALA A 1007 -0.11 -31.31 15.66
N ARG A 1008 -0.30 -30.12 15.06
CA ARG A 1008 -1.44 -29.30 15.43
C ARG A 1008 -1.64 -28.26 14.32
N CYS A 1009 -2.89 -27.88 14.09
CA CYS A 1009 -3.20 -26.80 13.13
C CYS A 1009 -4.22 -25.91 13.84
N GLU A 1010 -3.94 -24.62 13.86
CA GLU A 1010 -4.80 -23.65 14.53
C GLU A 1010 -5.18 -22.53 13.57
N ARG A 1011 -6.42 -22.09 13.61
CA ARG A 1011 -6.78 -20.82 12.99
C ARG A 1011 -6.38 -19.71 13.97
N THR A 1012 -5.77 -18.62 13.48
CA THR A 1012 -5.32 -17.53 14.33
C THR A 1012 -5.81 -16.21 13.77
N THR A 1013 -5.70 -15.17 14.59
CA THR A 1013 -5.76 -13.82 14.04
C THR A 1013 -4.70 -13.61 12.96
N LEU A 1014 -4.89 -12.56 12.14
CA LEU A 1014 -4.01 -12.41 10.96
C LEU A 1014 -2.57 -12.11 11.30
N THR A 1015 -2.35 -11.66 12.55
CA THR A 1015 -1.03 -11.32 13.05
C THR A 1015 -0.37 -12.54 13.67
N PHE A 1016 -1.11 -13.67 13.73
CA PHE A 1016 -0.66 -14.94 14.33
C PHE A 1016 -0.58 -14.87 15.85
N LEU A 1017 -1.10 -13.82 16.47
CA LEU A 1017 -0.87 -13.64 17.90
C LEU A 1017 -1.91 -14.27 18.83
N GLN A 1018 -3.05 -14.69 18.28
CA GLN A 1018 -4.08 -15.34 19.11
C GLN A 1018 -4.64 -16.54 18.38
N ASN A 1019 -4.72 -17.67 19.08
CA ASN A 1019 -5.34 -18.85 18.55
C ASN A 1019 -6.85 -18.74 18.67
N LEU A 1020 -7.54 -18.99 17.57
CA LEU A 1020 -9.00 -18.84 17.52
C LEU A 1020 -9.73 -20.17 17.45
N GLU A 1021 -9.08 -21.18 16.89
CA GLU A 1021 -9.73 -22.48 16.67
C GLU A 1021 -8.70 -23.56 16.53
N HIS A 1022 -8.90 -24.67 17.24
CA HIS A 1022 -8.06 -25.82 17.10
C HIS A 1022 -8.70 -26.69 16.02
N LEU A 1023 -7.95 -27.00 14.97
CA LEU A 1023 -8.59 -27.57 13.79
C LEU A 1023 -8.59 -29.09 13.75
N ASP A 1024 -9.77 -29.65 13.52
CA ASP A 1024 -9.97 -31.10 13.40
C ASP A 1024 -9.14 -31.70 12.29
N GLY A 1025 -8.43 -32.77 12.65
CA GLY A 1025 -7.64 -33.52 11.70
C GLY A 1025 -6.42 -32.76 11.23
N MET A 1026 -6.12 -31.64 11.89
CA MET A 1026 -4.97 -30.79 11.55
C MET A 1026 -5.06 -30.27 10.12
N VAL A 1027 -6.29 -30.04 9.67
CA VAL A 1027 -6.55 -29.59 8.32
C VAL A 1027 -7.03 -28.14 8.35
N ALA A 1028 -6.35 -27.29 7.58
CA ALA A 1028 -6.74 -25.89 7.45
C ALA A 1028 -7.71 -25.78 6.29
N PRO A 1029 -8.97 -25.41 6.57
CA PRO A 1029 -9.96 -25.25 5.50
C PRO A 1029 -9.65 -24.04 4.60
N GLU A 1030 -9.99 -24.14 3.34
CA GLU A 1030 -9.90 -22.97 2.48
C GLU A 1030 -10.97 -21.94 2.86
N VAL A 1031 -10.68 -20.69 2.50
CA VAL A 1031 -11.54 -19.57 2.90
C VAL A 1031 -12.59 -19.26 1.84
N CYS A 1032 -13.59 -18.49 2.23
CA CYS A 1032 -14.64 -18.00 1.33
C CYS A 1032 -14.19 -16.82 0.47
N PRO A 1033 -14.89 -16.58 -0.64
CA PRO A 1033 -14.55 -15.42 -1.46
C PRO A 1033 -14.57 -14.13 -0.64
N MET A 1034 -13.55 -13.31 -0.88
CA MET A 1034 -13.29 -12.04 -0.16
C MET A 1034 -12.87 -12.18 1.28
N GLU A 1035 -12.59 -13.40 1.71
CA GLU A 1035 -12.17 -13.63 3.09
C GLU A 1035 -10.66 -13.86 3.13
N THR A 1036 -10.10 -13.59 4.31
CA THR A 1036 -8.69 -13.81 4.60
C THR A 1036 -8.66 -14.50 5.94
N ALA A 1037 -7.86 -15.56 6.03
CA ALA A 1037 -7.71 -16.31 7.27
C ALA A 1037 -6.25 -16.60 7.50
N ALA A 1038 -5.89 -16.84 8.75
CA ALA A 1038 -4.54 -17.19 9.09
C ALA A 1038 -4.55 -18.53 9.82
N TYR A 1039 -3.53 -19.33 9.55
CA TYR A 1039 -3.35 -20.63 10.17
C TYR A 1039 -1.93 -20.77 10.62
N VAL A 1040 -1.74 -21.45 11.74
CA VAL A 1040 -0.40 -21.82 12.17
C VAL A 1040 -0.37 -23.35 12.32
N SER A 1041 0.60 -23.95 11.65
CA SER A 1041 0.85 -25.38 11.79
C SER A 1041 2.01 -25.60 12.75
N SER A 1042 1.86 -26.59 13.63
CA SER A 1042 2.90 -26.94 14.58
C SER A 1042 3.48 -28.30 14.19
N HIS A 1043 4.80 -28.43 14.31
CA HIS A 1043 5.52 -29.60 13.81
C HIS A 1043 6.45 -30.13 14.87
N SER A 1044 6.40 -31.43 15.06
CA SER A 1044 7.12 -32.09 16.15
C SER A 1044 8.51 -32.52 15.70
N SER A 1045 8.76 -32.26 14.41
CA SER A 1045 9.79 -32.88 13.63
CA SER A 1045 9.83 -32.89 13.68
C SER A 1045 10.29 -34.29 13.82
C1 NAG B . 0.45 -11.22 30.46
C2 NAG B . 0.97 -11.61 31.85
C3 NAG B . 0.16 -12.79 32.37
C4 NAG B . -1.28 -12.29 32.56
C5 NAG B . -1.83 -11.73 31.25
C6 NAG B . -3.15 -11.00 31.46
C7 NAG B . 3.34 -11.50 32.34
C8 NAG B . 2.99 -10.46 33.37
N2 NAG B . 2.35 -12.05 31.65
O3 NAG B . 0.70 -13.27 33.60
O4 NAG B . -2.10 -13.34 33.07
O5 NAG B . -0.92 -10.79 30.62
O6 NAG B . -4.24 -11.92 31.25
O7 NAG B . 4.50 -11.84 32.17
ZN ZN C . 1.56 12.52 10.66
P PO4 D . 1.53 -13.53 -18.57
O1 PO4 D . 2.14 -12.96 -19.84
O2 PO4 D . 2.01 -14.96 -18.38
O3 PO4 D . 0.00 -13.44 -18.68
O4 PO4 D . 2.06 -12.71 -17.41
C1 MRD E . -9.38 26.62 7.73
C2 MRD E . -10.71 26.50 8.47
O2 MRD E . -11.63 27.39 7.82
CM MRD E . -11.28 25.10 8.32
C3 MRD E . -10.63 27.03 9.91
C4 MRD E . -9.89 26.18 10.95
O4 MRD E . -10.52 26.39 12.25
C5 MRD E . -8.39 26.58 11.01
O6 YTB F . -0.06 16.69 7.52
C5 YTB F . 0.72 15.76 8.30
C4 YTB F . 2.07 15.54 7.67
O4 YTB F . 2.06 14.93 6.38
C3 YTB F . 2.81 14.75 8.75
O3 YTB F . 2.31 13.40 8.76
C1 YTB F . 1.13 16.27 9.68
N1 YTB F . 0.07 16.11 10.68
C2 YTB F . 2.38 15.47 10.04
O2 YTB F . 2.16 14.57 11.15
#